data_5KMD
#
_entry.id   5KMD
#
_cell.length_a   125.640
_cell.length_b   125.530
_cell.length_c   191.700
_cell.angle_alpha   90.00
_cell.angle_beta   90.00
_cell.angle_gamma   90.00
#
_symmetry.space_group_name_H-M   'P 21 2 21'
#
loop_
_entity.id
_entity.type
_entity.pdbx_description
1 polymer 'Ion transport protein'
2 non-polymer 1,2-DIMYRISTOYL-RAC-GLYCERO-3-PHOSPHOCHOLINE
3 non-polymer 'CALCIUM ION'
4 non-polymer amlodipine
5 water water
#
_entity_poly.entity_id   1
_entity_poly.type   'polypeptide(L)'
_entity_poly.pdbx_seq_one_letter_code
;MDYKDDDDKGSLVPRGSHMYLRITNIVESSFFTKFIIYLIVLNGITMGLETSKTFMQSFGVYTTLFNQIVITIFTIEIIL
RIYVHRISFFKDPWSLFDFFVVAISLVPTSSGFEILRVLRVLRLFRLVTAVPQMRKIVSALISVIPGMLSVIALMTLFFY
IFAIMATQLFGERFPEWFGTLGESFYTLFQVMTLDDWSNGIVRPLMEVYPYAYVFFIPFIFVVTFVMINLVVAIIVDAMA
ILNQKEEQHIIDEVQSHEDNINNEIIKLREEIVELKELIKTSLKN
;
_entity_poly.pdbx_strand_id   A,B,C,D
#
# COMPACT_ATOMS: atom_id res chain seq x y z
N MET A 19 -4.47 -28.69 -55.08
CA MET A 19 -3.29 -27.93 -55.48
C MET A 19 -2.24 -27.89 -54.38
N TYR A 20 -1.45 -26.83 -54.36
CA TYR A 20 -0.39 -26.67 -53.38
C TYR A 20 -1.02 -26.08 -52.14
N LEU A 21 -0.20 -25.58 -51.23
CA LEU A 21 -0.72 -25.17 -49.95
C LEU A 21 -1.38 -23.86 -50.25
N ARG A 22 -2.54 -23.98 -50.87
CA ARG A 22 -3.35 -22.85 -51.27
C ARG A 22 -3.72 -22.10 -50.02
N ILE A 23 -3.99 -22.87 -48.98
CA ILE A 23 -4.39 -22.35 -47.70
C ILE A 23 -3.33 -21.49 -47.05
N THR A 24 -2.08 -21.86 -47.23
CA THR A 24 -1.00 -21.24 -46.50
C THR A 24 -1.03 -19.77 -46.79
N ASN A 25 -1.32 -19.41 -48.02
CA ASN A 25 -1.38 -18.00 -48.37
C ASN A 25 -2.46 -17.27 -47.57
N ILE A 26 -3.62 -17.90 -47.44
CA ILE A 26 -4.77 -17.26 -46.81
C ILE A 26 -4.58 -16.91 -45.33
N VAL A 27 -4.03 -17.83 -44.55
CA VAL A 27 -3.97 -17.67 -43.10
C VAL A 27 -3.23 -16.39 -42.79
N GLU A 28 -2.16 -16.15 -43.50
CA GLU A 28 -1.39 -14.96 -43.27
C GLU A 28 -2.23 -13.77 -43.62
N SER A 29 -3.21 -13.97 -44.48
CA SER A 29 -3.92 -12.86 -45.06
C SER A 29 -4.49 -12.02 -43.97
N SER A 30 -4.38 -10.72 -44.13
CA SER A 30 -4.85 -9.81 -43.11
C SER A 30 -6.34 -9.67 -43.16
N PHE A 31 -7.00 -10.60 -43.82
CA PHE A 31 -8.45 -10.75 -43.68
C PHE A 31 -8.84 -11.88 -42.71
N PHE A 32 -8.09 -12.98 -42.75
CA PHE A 32 -8.30 -14.13 -41.87
C PHE A 32 -8.21 -13.76 -40.40
N THR A 33 -7.11 -13.15 -40.01
CA THR A 33 -6.87 -12.76 -38.64
C THR A 33 -7.95 -11.79 -38.17
N LYS A 34 -8.21 -10.74 -38.95
CA LYS A 34 -9.19 -9.73 -38.59
C LYS A 34 -10.56 -10.38 -38.48
N PHE A 35 -10.75 -11.47 -39.21
CA PHE A 35 -12.02 -12.19 -39.12
C PHE A 35 -12.14 -12.86 -37.76
N ILE A 36 -11.04 -13.43 -37.26
CA ILE A 36 -11.07 -14.12 -35.96
C ILE A 36 -11.21 -13.15 -34.79
N ILE A 37 -10.48 -12.05 -34.84
CA ILE A 37 -10.56 -11.01 -33.82
C ILE A 37 -11.96 -10.44 -33.73
N TYR A 38 -12.60 -10.21 -34.86
CA TYR A 38 -13.97 -9.72 -34.88
C TYR A 38 -14.89 -10.77 -34.26
N LEU A 39 -14.54 -12.05 -34.45
CA LEU A 39 -15.28 -13.18 -33.88
C LEU A 39 -15.15 -13.33 -32.36
N ILE A 40 -13.91 -13.32 -31.88
CA ILE A 40 -13.61 -13.42 -30.46
C ILE A 40 -14.41 -12.35 -29.75
N VAL A 41 -14.30 -11.11 -30.24
CA VAL A 41 -14.98 -9.99 -29.63
C VAL A 41 -16.48 -10.22 -29.71
N LEU A 42 -16.93 -11.00 -30.69
CA LEU A 42 -18.36 -11.29 -30.73
C LEU A 42 -18.63 -12.34 -29.64
N ASN A 43 -17.82 -13.41 -29.61
CA ASN A 43 -17.94 -14.44 -28.58
C ASN A 43 -17.70 -13.82 -27.19
N GLY A 44 -16.87 -12.79 -27.13
CA GLY A 44 -16.60 -12.13 -25.89
C GLY A 44 -17.85 -11.36 -25.50
N ILE A 45 -18.46 -10.69 -26.47
CA ILE A 45 -19.74 -10.05 -26.24
C ILE A 45 -20.82 -11.07 -25.89
N THR A 46 -20.79 -12.24 -26.53
CA THR A 46 -21.78 -13.30 -26.25
C THR A 46 -21.69 -13.81 -24.78
N MET A 47 -20.49 -14.13 -24.34
CA MET A 47 -20.27 -14.70 -23.02
C MET A 47 -20.69 -13.73 -21.92
N GLY A 48 -20.52 -12.44 -22.19
CA GLY A 48 -21.02 -11.39 -21.31
C GLY A 48 -22.51 -11.54 -21.12
N LEU A 49 -23.28 -11.45 -22.20
CA LEU A 49 -24.74 -11.55 -22.13
C LEU A 49 -25.26 -12.85 -21.47
N GLU A 50 -24.40 -13.86 -21.45
CA GLU A 50 -24.66 -15.17 -20.84
C GLU A 50 -24.63 -15.05 -19.31
N THR A 51 -24.36 -13.84 -18.82
CA THR A 51 -24.31 -13.57 -17.39
C THR A 51 -25.67 -13.06 -16.97
N SER A 52 -26.38 -12.45 -17.92
CA SER A 52 -27.76 -12.04 -17.68
C SER A 52 -28.69 -13.26 -17.63
N LYS A 53 -29.27 -13.48 -16.47
CA LYS A 53 -30.15 -14.62 -16.26
C LYS A 53 -31.39 -14.43 -17.15
N THR A 54 -31.80 -13.18 -17.31
CA THR A 54 -32.91 -12.84 -18.17
C THR A 54 -32.62 -13.15 -19.63
N PHE A 55 -31.41 -12.82 -20.06
CA PHE A 55 -30.99 -13.05 -21.43
C PHE A 55 -31.08 -14.52 -21.80
N MET A 56 -30.53 -15.38 -20.95
CA MET A 56 -30.56 -16.83 -21.19
C MET A 56 -31.96 -17.47 -21.33
N GLN A 57 -33.01 -16.74 -20.94
CA GLN A 57 -34.37 -17.14 -21.24
C GLN A 57 -34.71 -16.73 -22.67
N SER A 58 -34.90 -15.42 -22.86
CA SER A 58 -35.25 -14.82 -24.15
C SER A 58 -34.45 -15.29 -25.35
N PHE A 59 -33.13 -15.40 -25.20
CA PHE A 59 -32.24 -15.72 -26.33
C PHE A 59 -31.23 -16.83 -26.05
N GLY A 60 -31.46 -17.64 -25.02
CA GLY A 60 -30.49 -18.65 -24.62
C GLY A 60 -30.11 -19.62 -25.73
N VAL A 61 -31.09 -19.97 -26.56
CA VAL A 61 -30.91 -20.94 -27.65
C VAL A 61 -30.07 -20.36 -28.79
N TYR A 62 -30.33 -19.10 -29.12
CA TYR A 62 -29.59 -18.35 -30.13
C TYR A 62 -28.07 -18.32 -29.85
N THR A 63 -27.72 -18.18 -28.57
CA THR A 63 -26.33 -17.94 -28.20
C THR A 63 -25.54 -19.25 -28.14
N THR A 64 -26.24 -20.37 -27.94
CA THR A 64 -25.55 -21.65 -27.91
C THR A 64 -25.19 -21.99 -29.35
N LEU A 65 -26.09 -21.62 -30.26
CA LEU A 65 -25.85 -21.78 -31.69
C LEU A 65 -24.63 -21.00 -32.10
N PHE A 66 -24.63 -19.72 -31.72
CA PHE A 66 -23.55 -18.82 -32.08
C PHE A 66 -22.24 -19.37 -31.52
N ASN A 67 -22.31 -19.84 -30.27
CA ASN A 67 -21.19 -20.44 -29.55
C ASN A 67 -20.60 -21.71 -30.20
N GLN A 68 -21.46 -22.54 -30.78
CA GLN A 68 -21.02 -23.81 -31.38
C GLN A 68 -20.33 -23.64 -32.75
N ILE A 69 -20.82 -22.67 -33.52
CA ILE A 69 -20.21 -22.31 -34.79
C ILE A 69 -18.81 -21.81 -34.51
N VAL A 70 -18.72 -20.74 -33.72
CA VAL A 70 -17.44 -20.21 -33.27
C VAL A 70 -16.50 -21.29 -32.76
N ILE A 71 -16.99 -22.25 -32.00
CA ILE A 71 -16.07 -23.26 -31.47
C ILE A 71 -15.55 -24.15 -32.59
N THR A 72 -16.35 -24.28 -33.64
CA THR A 72 -16.00 -25.09 -34.80
C THR A 72 -15.01 -24.36 -35.70
N ILE A 73 -15.42 -23.17 -36.15
CA ILE A 73 -14.55 -22.29 -36.91
C ILE A 73 -13.15 -22.22 -36.29
N PHE A 74 -13.10 -21.98 -34.97
CA PHE A 74 -11.82 -21.89 -34.26
C PHE A 74 -11.07 -23.21 -34.31
N THR A 75 -11.78 -24.33 -34.28
CA THR A 75 -11.11 -25.63 -34.27
C THR A 75 -10.51 -25.78 -35.67
N ILE A 76 -11.31 -25.41 -36.67
CA ILE A 76 -10.82 -25.36 -38.05
C ILE A 76 -9.59 -24.45 -38.16
N GLU A 77 -9.70 -23.23 -37.65
CA GLU A 77 -8.61 -22.29 -37.77
C GLU A 77 -7.33 -22.89 -37.16
N ILE A 78 -7.50 -23.71 -36.14
CA ILE A 78 -6.37 -24.36 -35.47
C ILE A 78 -5.79 -25.49 -36.31
N ILE A 79 -6.67 -26.23 -37.01
CA ILE A 79 -6.23 -27.34 -37.85
C ILE A 79 -5.35 -26.87 -39.00
N LEU A 80 -5.84 -25.88 -39.74
CA LEU A 80 -5.07 -25.24 -40.81
C LEU A 80 -3.67 -24.74 -40.38
N ARG A 81 -3.64 -23.99 -39.29
CA ARG A 81 -2.42 -23.39 -38.76
C ARG A 81 -1.33 -24.39 -38.34
N ILE A 82 -1.72 -25.59 -37.89
CA ILE A 82 -0.77 -26.65 -37.53
C ILE A 82 -0.18 -27.31 -38.80
N TYR A 83 -1.02 -27.54 -39.80
CA TYR A 83 -0.59 -28.07 -41.10
C TYR A 83 0.50 -27.18 -41.69
N VAL A 84 0.24 -25.88 -41.73
CA VAL A 84 1.20 -24.89 -42.20
C VAL A 84 2.48 -24.84 -41.36
N HIS A 85 2.37 -24.72 -40.05
CA HIS A 85 3.57 -24.46 -39.23
C HIS A 85 4.27 -25.75 -38.75
N ARG A 86 3.59 -26.89 -38.81
CA ARG A 86 4.13 -28.18 -38.34
C ARG A 86 4.77 -28.05 -36.97
N ILE A 87 5.98 -28.59 -36.78
CA ILE A 87 6.62 -28.64 -35.48
C ILE A 87 6.88 -27.22 -34.93
N SER A 88 6.92 -26.23 -35.83
CA SER A 88 7.18 -24.83 -35.44
C SER A 88 5.96 -24.20 -34.73
N PHE A 89 4.82 -24.87 -34.83
CA PHE A 89 3.58 -24.49 -34.15
C PHE A 89 3.72 -24.76 -32.65
N PHE A 90 4.39 -25.86 -32.34
CA PHE A 90 4.53 -26.38 -30.98
C PHE A 90 5.82 -25.87 -30.31
N LYS A 91 6.37 -24.78 -30.83
CA LYS A 91 7.41 -24.06 -30.10
C LYS A 91 7.00 -22.60 -30.12
N ASP A 92 5.78 -22.34 -30.55
CA ASP A 92 5.21 -21.01 -30.37
C ASP A 92 4.30 -21.09 -29.13
N PRO A 93 4.67 -20.36 -28.06
CA PRO A 93 3.89 -20.43 -26.82
C PRO A 93 2.46 -19.96 -27.06
N TRP A 94 2.36 -18.90 -27.85
CA TRP A 94 1.10 -18.27 -28.19
C TRP A 94 0.13 -19.22 -28.86
N SER A 95 0.66 -20.12 -29.68
CA SER A 95 -0.16 -21.05 -30.41
C SER A 95 -0.47 -22.24 -29.50
N LEU A 96 0.55 -22.65 -28.76
CA LEU A 96 0.42 -23.69 -27.76
C LEU A 96 -0.69 -23.28 -26.79
N PHE A 97 -0.65 -22.01 -26.37
CA PHE A 97 -1.68 -21.49 -25.50
C PHE A 97 -3.02 -21.58 -26.22
N ASP A 98 -3.01 -21.24 -27.51
CA ASP A 98 -4.21 -21.29 -28.36
C ASP A 98 -4.76 -22.69 -28.57
N PHE A 99 -3.89 -23.68 -28.65
CA PHE A 99 -4.34 -25.03 -28.89
C PHE A 99 -5.07 -25.56 -27.66
N PHE A 100 -4.42 -25.46 -26.50
CA PHE A 100 -4.94 -25.92 -25.20
C PHE A 100 -6.17 -25.11 -24.76
N VAL A 101 -6.29 -23.89 -25.25
CA VAL A 101 -7.40 -23.01 -24.90
C VAL A 101 -8.61 -23.34 -25.79
N VAL A 102 -8.34 -23.89 -26.95
CA VAL A 102 -9.38 -24.29 -27.89
C VAL A 102 -9.83 -25.71 -27.54
N ALA A 103 -8.87 -26.54 -27.12
CA ALA A 103 -9.12 -27.92 -26.74
C ALA A 103 -10.09 -28.01 -25.61
N ILE A 104 -9.82 -27.21 -24.58
CA ILE A 104 -10.68 -27.08 -23.41
C ILE A 104 -12.15 -26.89 -23.77
N SER A 105 -12.48 -25.99 -24.69
CA SER A 105 -13.89 -25.71 -24.96
C SER A 105 -14.63 -26.84 -25.68
N LEU A 106 -13.95 -27.98 -25.85
CA LEU A 106 -14.51 -29.08 -26.65
C LEU A 106 -14.85 -30.36 -25.84
N VAL A 107 -14.30 -30.49 -24.64
CA VAL A 107 -14.63 -31.60 -23.74
C VAL A 107 -16.11 -31.54 -23.35
N PRO A 108 -16.77 -32.70 -23.28
CA PRO A 108 -18.19 -32.85 -22.90
C PRO A 108 -18.70 -32.11 -21.65
N THR A 109 -19.81 -31.38 -21.80
CA THR A 109 -20.38 -30.52 -20.74
C THR A 109 -20.83 -31.31 -19.51
N SER A 110 -21.19 -32.57 -19.72
CA SER A 110 -21.53 -33.52 -18.64
C SER A 110 -20.52 -34.64 -18.34
N SER A 111 -21.03 -35.66 -17.64
CA SER A 111 -20.29 -36.86 -17.20
C SER A 111 -19.07 -36.58 -16.31
N GLY A 112 -19.16 -35.61 -15.40
CA GLY A 112 -18.05 -35.41 -14.47
C GLY A 112 -17.78 -34.16 -13.63
N PHE A 113 -16.82 -33.38 -14.11
CA PHE A 113 -16.40 -32.09 -13.55
C PHE A 113 -16.84 -30.86 -14.32
N GLU A 114 -17.93 -30.25 -13.87
CA GLU A 114 -18.52 -29.10 -14.55
C GLU A 114 -17.76 -27.80 -14.27
N ILE A 115 -16.57 -27.89 -13.69
CA ILE A 115 -15.71 -26.70 -13.48
C ILE A 115 -15.18 -26.29 -14.85
N LEU A 116 -14.95 -27.32 -15.66
CA LEU A 116 -14.49 -27.22 -17.05
C LEU A 116 -15.45 -26.44 -17.93
N ARG A 117 -16.70 -26.34 -17.51
CA ARG A 117 -17.70 -25.56 -18.24
C ARG A 117 -17.32 -24.08 -18.13
N VAL A 118 -16.65 -23.74 -17.04
CA VAL A 118 -16.22 -22.36 -16.73
C VAL A 118 -14.87 -22.01 -17.35
N LEU A 119 -14.01 -23.01 -17.43
CA LEU A 119 -12.69 -22.83 -17.99
C LEU A 119 -12.72 -22.33 -19.44
N ARG A 120 -13.79 -22.66 -20.17
CA ARG A 120 -13.90 -22.35 -21.59
C ARG A 120 -14.04 -20.86 -21.88
N VAL A 121 -14.18 -20.06 -20.85
CA VAL A 121 -14.13 -18.60 -21.01
C VAL A 121 -12.68 -18.11 -21.23
N LEU A 122 -11.69 -18.95 -20.90
CA LEU A 122 -10.30 -18.59 -21.13
C LEU A 122 -9.97 -18.25 -22.59
N ARG A 123 -10.76 -18.75 -23.53
CA ARG A 123 -10.51 -18.47 -24.95
C ARG A 123 -10.73 -16.98 -25.24
N LEU A 124 -11.32 -16.25 -24.31
CA LEU A 124 -11.44 -14.80 -24.47
C LEU A 124 -10.05 -14.16 -24.38
N PHE A 125 -9.09 -14.92 -23.88
CA PHE A 125 -7.72 -14.44 -23.80
C PHE A 125 -7.09 -14.48 -25.18
N ARG A 126 -7.81 -14.97 -26.18
CA ARG A 126 -7.32 -14.97 -27.57
C ARG A 126 -7.22 -13.56 -28.20
N LEU A 127 -7.97 -12.62 -27.64
CA LEU A 127 -7.95 -11.27 -28.15
C LEU A 127 -6.56 -10.81 -27.98
N VAL A 128 -5.98 -11.15 -26.85
CA VAL A 128 -4.59 -10.83 -26.63
C VAL A 128 -3.79 -11.59 -27.65
N THR A 129 -4.17 -12.82 -27.89
CA THR A 129 -3.36 -13.68 -28.71
C THR A 129 -3.24 -13.12 -30.12
N ALA A 130 -4.33 -12.60 -30.65
CA ALA A 130 -4.34 -12.18 -32.04
C ALA A 130 -4.07 -10.72 -32.34
N VAL A 131 -3.84 -9.90 -31.33
CA VAL A 131 -3.50 -8.51 -31.60
C VAL A 131 -2.09 -8.22 -31.15
N PRO A 132 -1.22 -7.82 -32.17
CA PRO A 132 0.16 -7.68 -31.69
C PRO A 132 0.38 -6.33 -31.05
N GLN A 133 -0.27 -6.13 -29.94
CA GLN A 133 0.13 -5.11 -29.01
C GLN A 133 0.12 -5.73 -27.63
N MET A 134 -1.01 -6.36 -27.32
CA MET A 134 -1.20 -7.04 -26.06
C MET A 134 -0.20 -8.15 -25.93
N ARG A 135 0.02 -8.82 -27.04
CA ARG A 135 1.01 -9.86 -27.08
C ARG A 135 2.32 -9.16 -26.78
N LYS A 136 2.51 -7.98 -27.35
CA LYS A 136 3.72 -7.25 -27.11
C LYS A 136 3.85 -6.86 -25.67
N ILE A 137 2.77 -6.38 -25.09
CA ILE A 137 2.80 -5.96 -23.70
C ILE A 137 3.03 -7.12 -22.77
N VAL A 138 2.40 -8.24 -23.05
CA VAL A 138 2.55 -9.40 -22.21
C VAL A 138 3.96 -9.92 -22.19
N SER A 139 4.59 -9.97 -23.36
CA SER A 139 5.98 -10.33 -23.46
C SER A 139 6.83 -9.30 -22.76
N ALA A 140 6.46 -8.04 -22.90
CA ALA A 140 7.19 -7.00 -22.23
C ALA A 140 7.08 -7.26 -20.76
N LEU A 141 5.87 -7.59 -20.29
CA LEU A 141 5.64 -7.85 -18.87
C LEU A 141 6.30 -9.07 -18.34
N ILE A 142 6.16 -10.16 -19.07
CA ILE A 142 6.75 -11.42 -18.69
C ILE A 142 8.24 -11.28 -18.50
N SER A 143 8.84 -10.35 -19.22
CA SER A 143 10.29 -10.29 -19.33
C SER A 143 11.03 -9.78 -18.09
N VAL A 144 10.31 -9.12 -17.20
CA VAL A 144 10.90 -8.69 -15.95
C VAL A 144 10.95 -9.83 -14.91
N ILE A 145 10.24 -10.94 -15.16
CA ILE A 145 10.11 -12.01 -14.13
C ILE A 145 11.44 -12.78 -13.96
N PRO A 146 12.16 -13.12 -15.05
CA PRO A 146 13.39 -13.88 -14.80
C PRO A 146 14.41 -13.16 -13.90
N GLY A 147 14.59 -11.85 -14.08
CA GLY A 147 15.48 -11.10 -13.21
C GLY A 147 15.03 -11.14 -11.76
N MET A 148 13.73 -11.38 -11.57
CA MET A 148 13.10 -11.38 -10.24
C MET A 148 13.15 -12.78 -9.64
N LEU A 149 13.23 -13.79 -10.51
CA LEU A 149 13.15 -15.22 -10.13
C LEU A 149 14.00 -15.58 -8.93
N SER A 150 15.12 -14.87 -8.79
CA SER A 150 16.01 -15.07 -7.66
C SER A 150 15.27 -14.69 -6.36
N VAL A 151 14.71 -13.49 -6.35
CA VAL A 151 14.05 -12.95 -5.18
C VAL A 151 12.80 -13.76 -4.85
N ILE A 152 12.09 -14.25 -5.87
CA ILE A 152 10.98 -15.17 -5.66
C ILE A 152 11.43 -16.45 -4.93
N ALA A 153 12.63 -16.92 -5.20
CA ALA A 153 13.11 -18.11 -4.53
C ALA A 153 13.51 -17.91 -3.06
N LEU A 154 14.23 -16.82 -2.75
CA LEU A 154 14.55 -16.51 -1.36
C LEU A 154 13.36 -16.40 -0.49
N MET A 155 12.41 -15.64 -0.99
CA MET A 155 11.21 -15.32 -0.26
C MET A 155 10.38 -16.56 -0.03
N THR A 156 10.22 -17.34 -1.10
CA THR A 156 9.47 -18.58 -1.02
C THR A 156 10.12 -19.47 -0.03
N LEU A 157 11.43 -19.42 -0.04
CA LEU A 157 12.12 -20.18 0.95
C LEU A 157 11.77 -19.62 2.33
N PHE A 158 11.67 -18.28 2.44
CA PHE A 158 11.40 -17.59 3.73
C PHE A 158 10.01 -17.92 4.27
N PHE A 159 9.03 -17.86 3.37
CA PHE A 159 7.66 -18.21 3.68
C PHE A 159 7.54 -19.65 4.10
N TYR A 160 8.14 -20.53 3.32
CA TYR A 160 8.06 -21.95 3.60
C TYR A 160 8.57 -22.18 5.00
N ILE A 161 9.69 -21.53 5.34
CA ILE A 161 10.25 -21.73 6.68
C ILE A 161 9.37 -21.14 7.75
N PHE A 162 8.85 -19.94 7.53
CA PHE A 162 7.97 -19.29 8.52
C PHE A 162 6.61 -19.91 8.59
N ALA A 163 6.10 -20.39 7.47
CA ALA A 163 4.82 -21.11 7.46
C ALA A 163 5.02 -22.30 8.39
N ILE A 164 6.16 -22.95 8.28
CA ILE A 164 6.45 -24.08 9.15
C ILE A 164 6.43 -23.58 10.60
N MET A 165 7.14 -22.50 10.89
CA MET A 165 7.18 -21.96 12.24
C MET A 165 5.77 -21.60 12.74
N ALA A 166 4.92 -21.06 11.88
CA ALA A 166 3.63 -20.63 12.38
C ALA A 166 2.75 -21.86 12.68
N THR A 167 2.79 -22.87 11.83
CA THR A 167 2.04 -24.09 12.13
C THR A 167 2.44 -24.72 13.46
N GLN A 168 3.71 -24.71 13.79
CA GLN A 168 4.06 -25.39 15.03
C GLN A 168 3.67 -24.54 16.25
N LEU A 169 3.72 -23.22 16.11
CA LEU A 169 3.49 -22.31 17.23
C LEU A 169 2.04 -21.98 17.49
N PHE A 170 1.21 -21.89 16.46
CA PHE A 170 -0.14 -21.35 16.65
C PHE A 170 -1.24 -22.24 16.06
N GLY A 171 -0.84 -23.29 15.37
CA GLY A 171 -1.79 -24.18 14.75
C GLY A 171 -2.65 -24.99 15.70
N GLU A 172 -2.21 -25.15 16.96
CA GLU A 172 -3.02 -25.88 17.98
C GLU A 172 -4.35 -25.23 18.44
N ARG A 173 -4.23 -24.01 18.99
CA ARG A 173 -5.31 -23.18 19.54
C ARG A 173 -5.93 -22.34 18.45
N PHE A 174 -5.31 -22.33 17.28
CA PHE A 174 -5.82 -21.52 16.18
C PHE A 174 -5.76 -22.22 14.81
N PRO A 175 -6.41 -23.40 14.68
CA PRO A 175 -6.40 -24.24 13.44
C PRO A 175 -6.95 -23.61 12.14
N GLU A 176 -7.96 -22.76 12.25
CA GLU A 176 -8.63 -22.19 11.09
C GLU A 176 -7.58 -21.42 10.32
N TRP A 177 -6.75 -20.76 11.07
CA TRP A 177 -5.69 -19.94 10.51
C TRP A 177 -4.27 -20.52 10.21
N PHE A 178 -3.82 -21.48 11.01
CA PHE A 178 -2.46 -21.94 10.93
C PHE A 178 -2.38 -23.43 11.16
N GLY A 179 -3.50 -24.11 11.18
CA GLY A 179 -3.46 -25.49 11.62
C GLY A 179 -2.71 -26.39 10.67
N THR A 180 -2.76 -26.05 9.40
CA THR A 180 -2.13 -26.82 8.34
C THR A 180 -1.17 -25.90 7.66
N LEU A 181 -0.15 -26.50 7.07
CA LEU A 181 0.92 -25.73 6.47
C LEU A 181 0.36 -24.85 5.39
N GLY A 182 -0.56 -25.40 4.58
CA GLY A 182 -1.20 -24.63 3.53
C GLY A 182 -1.99 -23.48 4.11
N GLU A 183 -2.60 -23.75 5.27
CA GLU A 183 -3.36 -22.74 5.98
C GLU A 183 -2.32 -21.69 6.44
N SER A 184 -1.17 -22.09 7.00
CA SER A 184 -0.17 -21.08 7.41
C SER A 184 0.36 -20.26 6.25
N PHE A 185 0.47 -20.90 5.09
CA PHE A 185 0.87 -20.19 3.91
C PHE A 185 -0.14 -19.08 3.58
N TYR A 186 -1.42 -19.49 3.42
CA TYR A 186 -2.59 -18.61 3.10
C TYR A 186 -2.70 -17.47 4.08
N THR A 187 -2.67 -17.78 5.36
CA THR A 187 -2.74 -16.71 6.34
C THR A 187 -1.48 -15.73 6.16
N LEU A 188 -0.30 -16.32 6.16
CA LEU A 188 0.95 -15.59 6.01
C LEU A 188 1.03 -14.71 4.75
N PHE A 189 0.46 -15.25 3.66
CA PHE A 189 0.35 -14.43 2.44
C PHE A 189 -0.45 -13.17 2.71
N GLN A 190 -1.59 -13.39 3.39
CA GLN A 190 -2.51 -12.34 3.84
C GLN A 190 -1.84 -11.26 4.71
N VAL A 191 -1.01 -11.69 5.67
CA VAL A 191 -0.40 -10.74 6.59
C VAL A 191 0.49 -9.84 5.77
N MET A 192 1.18 -10.52 4.82
CA MET A 192 2.12 -9.89 3.85
C MET A 192 1.34 -8.90 3.04
N THR A 193 0.15 -9.30 2.58
CA THR A 193 -0.67 -8.33 1.88
C THR A 193 -1.17 -7.27 2.89
N LEU A 194 -0.76 -7.42 4.17
CA LEU A 194 -1.09 -6.46 5.21
C LEU A 194 -2.52 -6.28 5.45
N ASP A 195 -3.34 -7.28 5.13
CA ASP A 195 -4.80 -7.16 5.12
C ASP A 195 -5.44 -7.51 6.46
N ASP A 196 -5.86 -6.46 7.16
CA ASP A 196 -6.46 -6.65 8.48
C ASP A 196 -5.61 -7.50 9.39
N TRP A 197 -4.33 -7.19 9.53
CA TRP A 197 -3.46 -8.17 10.21
C TRP A 197 -3.45 -8.03 11.78
N SER A 198 -3.55 -6.84 12.34
CA SER A 198 -3.50 -6.68 13.79
C SER A 198 -4.83 -6.99 14.54
N ASN A 199 -5.86 -6.24 14.18
CA ASN A 199 -7.08 -6.47 14.83
C ASN A 199 -7.47 -7.85 14.23
N GLY A 200 -7.01 -8.19 13.06
CA GLY A 200 -7.55 -9.42 12.60
C GLY A 200 -6.74 -10.69 12.92
N ILE A 201 -5.44 -10.65 13.18
CA ILE A 201 -4.75 -11.91 13.47
C ILE A 201 -3.90 -11.81 14.71
N VAL A 202 -3.14 -10.75 14.80
CA VAL A 202 -2.12 -10.81 15.80
C VAL A 202 -2.72 -10.48 17.20
N ARG A 203 -3.69 -9.56 17.26
CA ARG A 203 -4.25 -9.28 18.57
C ARG A 203 -4.97 -10.49 19.24
N PRO A 204 -5.78 -11.27 18.47
CA PRO A 204 -6.28 -12.50 19.05
C PRO A 204 -5.24 -13.46 19.58
N LEU A 205 -4.30 -13.84 18.73
CA LEU A 205 -3.19 -14.72 19.11
C LEU A 205 -2.58 -14.30 20.42
N MET A 206 -2.38 -13.01 20.49
CA MET A 206 -1.75 -12.45 21.66
C MET A 206 -2.58 -12.58 22.92
N GLU A 207 -3.90 -12.87 22.80
CA GLU A 207 -4.71 -13.13 24.02
C GLU A 207 -4.33 -14.45 24.71
N VAL A 208 -3.87 -15.39 23.90
CA VAL A 208 -3.28 -16.63 24.33
C VAL A 208 -1.76 -16.64 24.47
N TYR A 209 -1.12 -15.99 23.52
CA TYR A 209 0.33 -16.00 23.39
C TYR A 209 0.82 -14.54 23.35
N PRO A 210 1.05 -13.94 24.51
CA PRO A 210 1.41 -12.53 24.60
C PRO A 210 2.64 -12.08 23.76
N TYR A 211 3.57 -12.97 23.46
CA TYR A 211 4.74 -12.54 22.72
C TYR A 211 4.70 -12.75 21.23
N ALA A 212 3.51 -12.94 20.68
CA ALA A 212 3.38 -13.28 19.29
C ALA A 212 3.89 -12.15 18.41
N TYR A 213 4.04 -10.94 18.94
CA TYR A 213 4.57 -9.85 18.12
C TYR A 213 6.07 -9.97 17.77
N VAL A 214 6.82 -10.71 18.60
CA VAL A 214 8.25 -10.93 18.33
C VAL A 214 8.33 -11.80 17.10
N PHE A 215 7.24 -12.48 16.78
CA PHE A 215 7.26 -13.27 15.57
C PHE A 215 6.76 -12.51 14.36
N PHE A 216 5.61 -11.89 14.46
CA PHE A 216 5.05 -11.36 13.25
C PHE A 216 5.64 -10.01 12.87
N ILE A 217 6.07 -9.23 13.84
CA ILE A 217 6.56 -7.91 13.48
C ILE A 217 7.88 -7.90 12.73
N PRO A 218 8.87 -8.71 13.15
CA PRO A 218 10.01 -8.82 12.26
C PRO A 218 9.64 -9.35 10.86
N PHE A 219 8.80 -10.35 10.81
CA PHE A 219 8.32 -10.89 9.55
C PHE A 219 7.78 -9.81 8.62
N ILE A 220 7.11 -8.85 9.25
CA ILE A 220 6.46 -7.78 8.53
C ILE A 220 7.54 -6.90 8.02
N PHE A 221 8.56 -6.65 8.86
CA PHE A 221 9.70 -5.87 8.41
C PHE A 221 10.33 -6.49 7.20
N VAL A 222 10.66 -7.77 7.32
CA VAL A 222 11.40 -8.47 6.29
C VAL A 222 10.70 -8.51 4.96
N VAL A 223 9.47 -9.02 4.97
CA VAL A 223 8.71 -9.08 3.76
C VAL A 223 8.48 -7.67 3.11
N THR A 224 8.24 -6.67 3.91
CA THR A 224 8.06 -5.35 3.31
C THR A 224 9.45 -4.83 2.79
N PHE A 225 10.53 -4.97 3.57
CA PHE A 225 11.86 -4.51 3.16
C PHE A 225 12.26 -5.08 1.79
N VAL A 226 12.07 -6.37 1.63
CA VAL A 226 12.44 -7.04 0.39
C VAL A 226 11.68 -6.53 -0.83
N MET A 227 10.36 -6.45 -0.75
CA MET A 227 9.52 -5.95 -1.83
C MET A 227 9.90 -4.56 -2.31
N ILE A 228 10.24 -3.67 -1.41
CA ILE A 228 10.50 -2.32 -1.85
C ILE A 228 11.82 -2.33 -2.61
N ASN A 229 12.81 -3.08 -2.15
CA ASN A 229 14.11 -3.08 -2.82
C ASN A 229 13.95 -3.81 -4.15
N LEU A 230 13.05 -4.76 -4.23
CA LEU A 230 12.70 -5.45 -5.47
C LEU A 230 12.21 -4.49 -6.57
N VAL A 231 11.24 -3.64 -6.24
CA VAL A 231 10.71 -2.62 -7.16
C VAL A 231 11.88 -1.72 -7.63
N VAL A 232 12.72 -1.30 -6.67
CA VAL A 232 13.90 -0.49 -6.94
C VAL A 232 14.81 -1.16 -7.99
N ALA A 233 15.11 -2.44 -7.80
CA ALA A 233 15.98 -3.15 -8.74
C ALA A 233 15.39 -3.15 -10.15
N ILE A 234 14.06 -3.20 -10.26
CA ILE A 234 13.39 -3.16 -11.56
C ILE A 234 13.57 -1.79 -12.22
N ILE A 235 13.33 -0.75 -11.45
CA ILE A 235 13.34 0.64 -11.93
C ILE A 235 14.67 1.17 -12.45
N VAL A 236 15.77 0.93 -11.74
CA VAL A 236 17.08 1.45 -12.18
C VAL A 236 17.51 0.90 -13.55
N ASP A 237 17.41 -0.41 -13.74
CA ASP A 237 17.81 -1.03 -15.01
C ASP A 237 16.79 -0.66 -16.09
N MET B 19 51.01 -29.33 8.80
CA MET B 19 51.13 -30.78 8.72
C MET B 19 49.82 -31.37 8.27
N TYR B 20 48.80 -31.22 9.10
CA TYR B 20 47.53 -31.87 8.79
C TYR B 20 46.72 -31.03 7.82
N LEU B 21 47.30 -30.86 6.64
CA LEU B 21 46.65 -30.16 5.55
C LEU B 21 45.43 -30.94 5.09
N ARG B 22 45.54 -32.25 5.14
CA ARG B 22 44.71 -33.13 4.36
C ARG B 22 43.23 -32.94 4.65
N ILE B 23 42.90 -32.73 5.92
CA ILE B 23 41.51 -32.47 6.25
C ILE B 23 41.14 -31.21 5.51
N THR B 24 42.04 -30.26 5.56
CA THR B 24 41.82 -28.95 5.02
C THR B 24 41.54 -29.17 3.56
N ASN B 25 42.26 -30.10 2.98
CA ASN B 25 41.97 -30.49 1.62
C ASN B 25 40.58 -31.08 1.56
N ILE B 26 40.25 -31.89 2.57
CA ILE B 26 39.11 -32.78 2.44
C ILE B 26 37.82 -32.03 2.20
N VAL B 27 37.65 -31.00 3.02
CA VAL B 27 36.45 -30.18 3.10
C VAL B 27 36.13 -29.34 1.88
N GLU B 28 37.13 -28.72 1.30
CA GLU B 28 36.89 -27.69 0.31
C GLU B 28 36.38 -28.30 -0.97
N SER B 29 36.27 -29.61 -0.98
CA SER B 29 35.90 -30.35 -2.16
C SER B 29 34.58 -29.85 -2.64
N SER B 30 34.47 -29.74 -3.96
CA SER B 30 33.27 -29.29 -4.61
C SER B 30 32.20 -30.28 -4.22
N PHE B 31 32.58 -31.53 -4.14
CA PHE B 31 31.66 -32.57 -3.73
C PHE B 31 31.19 -32.27 -2.33
N PHE B 32 32.11 -31.85 -1.47
CA PHE B 32 31.77 -31.71 -0.07
C PHE B 32 30.66 -30.67 0.09
N THR B 33 30.84 -29.53 -0.55
CA THR B 33 29.94 -28.42 -0.32
C THR B 33 28.52 -28.70 -0.75
N LYS B 34 28.33 -29.27 -1.92
CA LYS B 34 26.97 -29.53 -2.38
C LYS B 34 26.42 -30.69 -1.60
N PHE B 35 27.31 -31.36 -0.90
CA PHE B 35 26.94 -32.43 0.02
C PHE B 35 26.16 -31.80 1.17
N ILE B 36 26.70 -30.75 1.81
CA ILE B 36 26.03 -30.15 2.96
C ILE B 36 24.75 -29.43 2.50
N ILE B 37 24.73 -28.99 1.24
CA ILE B 37 23.53 -28.41 0.63
C ILE B 37 22.40 -29.42 0.47
N TYR B 38 22.76 -30.62 0.05
CA TYR B 38 21.81 -31.71 -0.15
C TYR B 38 21.21 -32.14 1.18
N LEU B 39 21.95 -31.96 2.26
CA LEU B 39 21.40 -32.31 3.56
C LEU B 39 20.40 -31.25 4.00
N ILE B 40 20.68 -30.00 3.66
CA ILE B 40 19.75 -28.91 3.89
C ILE B 40 18.44 -29.08 3.15
N VAL B 41 18.51 -29.31 1.85
CA VAL B 41 17.30 -29.50 1.05
C VAL B 41 16.50 -30.71 1.52
N LEU B 42 17.17 -31.82 1.83
CA LEU B 42 16.41 -32.97 2.31
C LEU B 42 15.68 -32.67 3.63
N ASN B 43 16.43 -32.13 4.59
CA ASN B 43 15.90 -31.74 5.90
C ASN B 43 14.80 -30.69 5.80
N GLY B 44 14.97 -29.75 4.88
CA GLY B 44 13.98 -28.73 4.65
C GLY B 44 12.67 -29.35 4.22
N ILE B 45 12.78 -30.40 3.41
CA ILE B 45 11.59 -31.14 3.00
C ILE B 45 11.00 -31.90 4.19
N THR B 46 11.86 -32.62 4.90
CA THR B 46 11.41 -33.45 6.02
C THR B 46 10.77 -32.59 7.11
N MET B 47 11.28 -31.37 7.27
CA MET B 47 10.74 -30.47 8.28
C MET B 47 9.32 -29.97 7.98
N GLY B 48 9.06 -29.76 6.69
CA GLY B 48 7.72 -29.49 6.20
C GLY B 48 6.84 -30.64 6.57
N LEU B 49 7.32 -31.86 6.33
CA LEU B 49 6.52 -33.04 6.62
C LEU B 49 6.20 -33.12 8.08
N GLU B 50 7.06 -32.58 8.94
CA GLU B 50 6.79 -32.67 10.37
C GLU B 50 5.60 -31.76 10.83
N THR B 51 5.07 -30.96 9.90
CA THR B 51 3.96 -30.05 10.15
C THR B 51 2.65 -30.82 9.98
N SER B 52 2.71 -31.89 9.22
CA SER B 52 1.62 -32.82 8.97
C SER B 52 1.50 -33.78 10.14
N LYS B 53 0.29 -33.84 10.70
CA LYS B 53 -0.06 -34.75 11.82
C LYS B 53 0.00 -36.23 11.46
N THR B 54 -0.57 -36.57 10.31
CA THR B 54 -0.52 -37.92 9.78
C THR B 54 0.88 -38.53 9.72
N PHE B 55 1.74 -37.93 8.91
CA PHE B 55 3.12 -38.37 8.69
C PHE B 55 3.96 -38.62 9.96
N MET B 56 4.01 -37.66 10.89
CA MET B 56 4.88 -37.82 12.07
C MET B 56 4.55 -39.05 12.95
N GLN B 57 3.29 -39.46 12.96
CA GLN B 57 2.90 -40.61 13.79
C GLN B 57 3.51 -41.89 13.25
N SER B 58 3.37 -42.08 11.95
CA SER B 58 3.80 -43.31 11.30
C SER B 58 5.12 -43.19 10.53
N PHE B 59 5.90 -42.14 10.80
CA PHE B 59 7.22 -41.93 10.20
C PHE B 59 8.11 -41.10 11.13
N GLY B 60 7.61 -40.84 12.33
CA GLY B 60 8.27 -39.92 13.25
C GLY B 60 9.65 -40.29 13.72
N VAL B 61 9.86 -41.57 14.00
CA VAL B 61 11.14 -41.97 14.55
C VAL B 61 12.19 -41.94 13.41
N TYR B 62 11.75 -42.17 12.18
CA TYR B 62 12.62 -42.08 11.01
C TYR B 62 13.15 -40.67 10.82
N THR B 63 12.32 -39.70 11.17
CA THR B 63 12.65 -38.32 10.91
C THR B 63 13.11 -37.62 12.19
N THR B 64 12.76 -38.18 13.35
CA THR B 64 13.35 -37.62 14.56
C THR B 64 14.83 -38.06 14.61
N LEU B 65 15.11 -39.25 14.06
CA LEU B 65 16.47 -39.79 13.94
C LEU B 65 17.30 -39.10 12.88
N PHE B 66 16.71 -39.00 11.69
CA PHE B 66 17.35 -38.33 10.56
C PHE B 66 17.77 -36.91 10.98
N ASN B 67 16.96 -36.25 11.79
CA ASN B 67 17.30 -34.91 12.33
C ASN B 67 18.50 -34.91 13.28
N GLN B 68 18.59 -35.93 14.14
CA GLN B 68 19.70 -36.01 15.10
C GLN B 68 21.02 -36.27 14.40
N ILE B 69 21.01 -37.12 13.37
CA ILE B 69 22.20 -37.38 12.57
C ILE B 69 22.72 -36.09 11.96
N VAL B 70 21.86 -35.41 11.22
CA VAL B 70 22.22 -34.16 10.55
C VAL B 70 22.78 -33.11 11.48
N ILE B 71 22.20 -32.91 12.65
CA ILE B 71 22.76 -31.91 13.56
C ILE B 71 24.19 -32.29 13.93
N THR B 72 24.44 -33.58 14.14
CA THR B 72 25.78 -34.05 14.48
C THR B 72 26.80 -33.84 13.35
N ILE B 73 26.48 -34.32 12.16
CA ILE B 73 27.37 -34.15 11.01
C ILE B 73 27.66 -32.66 10.83
N PHE B 74 26.63 -31.82 10.96
CA PHE B 74 26.80 -30.38 10.89
C PHE B 74 27.69 -29.91 12.02
N THR B 75 27.59 -30.54 13.18
CA THR B 75 28.40 -30.13 14.32
C THR B 75 29.86 -30.47 14.03
N ILE B 76 30.10 -31.69 13.53
CA ILE B 76 31.47 -32.10 13.19
C ILE B 76 32.01 -31.23 12.07
N GLU B 77 31.14 -30.91 11.12
CA GLU B 77 31.49 -30.06 9.98
C GLU B 77 31.94 -28.69 10.47
N ILE B 78 31.23 -28.17 11.47
CA ILE B 78 31.57 -26.87 12.06
C ILE B 78 32.92 -26.94 12.80
N ILE B 79 33.17 -28.04 13.51
CA ILE B 79 34.41 -28.25 14.25
C ILE B 79 35.65 -28.31 13.34
N LEU B 80 35.53 -29.08 12.27
CA LEU B 80 36.61 -29.22 11.28
C LEU B 80 36.99 -27.88 10.66
N ARG B 81 35.99 -27.14 10.19
CA ARG B 81 36.15 -25.85 9.51
C ARG B 81 36.82 -24.78 10.38
N ILE B 82 36.65 -24.89 11.69
CA ILE B 82 37.32 -24.01 12.65
C ILE B 82 38.83 -24.14 12.64
N TYR B 83 39.32 -25.38 12.63
CA TYR B 83 40.75 -25.64 12.63
C TYR B 83 41.46 -25.08 11.40
N VAL B 84 40.84 -25.24 10.23
CA VAL B 84 41.35 -24.73 8.94
C VAL B 84 41.42 -23.19 8.84
N HIS B 85 40.42 -22.49 9.38
CA HIS B 85 40.29 -21.03 9.26
C HIS B 85 40.72 -20.25 10.51
N ARG B 86 40.68 -20.90 11.68
CA ARG B 86 41.03 -20.25 12.95
C ARG B 86 40.24 -18.97 13.14
N ILE B 87 40.95 -17.88 13.38
CA ILE B 87 40.35 -16.61 13.81
C ILE B 87 39.34 -16.16 12.74
N SER B 88 39.66 -16.44 11.48
CA SER B 88 38.83 -16.06 10.33
C SER B 88 37.39 -16.61 10.33
N PHE B 89 37.17 -17.80 10.89
CA PHE B 89 35.84 -18.46 10.84
C PHE B 89 34.77 -17.63 11.53
N PHE B 90 35.18 -17.04 12.64
CA PHE B 90 34.29 -16.39 13.57
C PHE B 90 34.20 -14.92 13.18
N LYS B 91 34.80 -14.60 12.04
CA LYS B 91 34.65 -13.30 11.42
C LYS B 91 34.04 -13.46 10.01
N ASP B 92 33.41 -14.62 9.77
CA ASP B 92 32.67 -14.86 8.52
C ASP B 92 31.17 -14.80 8.83
N PRO B 93 30.49 -13.80 8.26
CA PRO B 93 29.08 -13.57 8.56
C PRO B 93 28.22 -14.79 8.26
N TRP B 94 28.50 -15.47 7.16
CA TRP B 94 27.71 -16.60 6.71
C TRP B 94 27.93 -17.81 7.64
N SER B 95 29.15 -17.88 8.18
CA SER B 95 29.57 -18.97 9.06
C SER B 95 29.17 -18.81 10.53
N LEU B 96 29.18 -17.58 11.01
CA LEU B 96 28.67 -17.26 12.33
C LEU B 96 27.21 -17.71 12.43
N PHE B 97 26.44 -17.40 11.40
CA PHE B 97 25.06 -17.86 11.28
C PHE B 97 25.02 -19.36 11.38
N ASP B 98 25.83 -19.98 10.52
CA ASP B 98 25.97 -21.41 10.45
C ASP B 98 26.20 -21.97 11.84
N PHE B 99 27.14 -21.38 12.56
CA PHE B 99 27.39 -21.81 13.92
C PHE B 99 26.15 -21.86 14.78
N PHE B 100 25.48 -20.72 14.90
CA PHE B 100 24.38 -20.59 15.86
C PHE B 100 23.11 -21.37 15.55
N VAL B 101 22.68 -21.46 14.29
CA VAL B 101 21.45 -22.20 14.00
C VAL B 101 21.69 -23.67 14.19
N VAL B 102 22.97 -24.02 14.26
CA VAL B 102 23.41 -25.36 14.60
C VAL B 102 23.45 -25.46 16.13
N ALA B 103 23.95 -24.41 16.76
CA ALA B 103 24.00 -24.31 18.22
C ALA B 103 22.62 -24.59 18.84
N ILE B 104 21.60 -23.93 18.30
CA ILE B 104 20.22 -24.09 18.74
C ILE B 104 19.77 -25.56 18.84
N SER B 105 20.11 -26.38 17.85
CA SER B 105 19.68 -27.77 17.91
C SER B 105 20.44 -28.59 18.94
N LEU B 106 21.45 -27.97 19.55
CA LEU B 106 22.32 -28.66 20.49
C LEU B 106 21.90 -28.34 21.93
N VAL B 107 21.01 -27.36 22.04
CA VAL B 107 20.39 -27.03 23.31
C VAL B 107 19.43 -28.20 23.55
N PRO B 108 19.38 -28.73 24.78
CA PRO B 108 18.50 -29.86 25.13
C PRO B 108 17.01 -29.58 24.97
N THR B 109 16.35 -30.55 24.37
CA THR B 109 14.93 -30.51 24.05
C THR B 109 13.95 -30.37 25.24
N SER B 110 14.33 -30.84 26.41
CA SER B 110 13.46 -30.71 27.58
C SER B 110 14.05 -29.80 28.65
N SER B 111 14.92 -28.87 28.24
CA SER B 111 15.62 -27.96 29.17
C SER B 111 15.07 -26.52 29.16
N GLY B 112 13.86 -26.35 29.69
CA GLY B 112 13.17 -25.07 29.67
C GLY B 112 11.82 -25.19 29.01
N PHE B 113 11.48 -24.21 28.17
CA PHE B 113 10.24 -24.29 27.38
C PHE B 113 10.54 -24.95 26.03
N GLU B 114 9.48 -25.38 25.36
CA GLU B 114 9.61 -26.02 24.05
C GLU B 114 9.80 -25.04 22.87
N ILE B 115 10.06 -23.78 23.20
CA ILE B 115 10.30 -22.75 22.20
C ILE B 115 11.60 -22.98 21.40
N LEU B 116 12.56 -23.63 22.04
CA LEU B 116 13.85 -23.83 21.40
C LEU B 116 13.71 -24.91 20.34
N ARG B 117 12.83 -25.88 20.59
CA ARG B 117 12.55 -26.93 19.62
C ARG B 117 12.05 -26.33 18.31
N VAL B 118 11.35 -25.21 18.42
CA VAL B 118 10.81 -24.56 17.23
C VAL B 118 11.86 -23.73 16.52
N LEU B 119 12.73 -23.07 17.28
CA LEU B 119 13.76 -22.29 16.63
C LEU B 119 14.78 -23.10 15.84
N ARG B 120 14.82 -24.41 16.07
CA ARG B 120 15.70 -25.29 15.31
C ARG B 120 15.49 -25.10 13.82
N VAL B 121 14.25 -24.92 13.40
CA VAL B 121 13.96 -24.80 11.99
C VAL B 121 14.51 -23.50 11.40
N LEU B 122 15.09 -22.65 12.23
CA LEU B 122 15.82 -21.51 11.70
C LEU B 122 17.01 -22.00 10.84
N ARG B 123 17.44 -23.24 11.06
CA ARG B 123 18.58 -23.83 10.33
C ARG B 123 18.33 -24.02 8.83
N LEU B 124 17.11 -23.91 8.37
CA LEU B 124 16.89 -24.11 6.94
C LEU B 124 17.38 -22.91 6.19
N PHE B 125 17.67 -21.85 6.91
CA PHE B 125 18.22 -20.69 6.26
C PHE B 125 19.67 -20.89 5.85
N ARG B 126 20.29 -21.99 6.27
CA ARG B 126 21.64 -22.27 5.81
C ARG B 126 21.67 -22.42 4.30
N LEU B 127 20.52 -22.80 3.72
CA LEU B 127 20.39 -22.78 2.27
C LEU B 127 20.63 -21.39 1.68
N VAL B 128 20.37 -20.34 2.48
CA VAL B 128 20.69 -18.97 2.05
C VAL B 128 22.20 -18.69 2.06
N THR B 129 22.86 -19.13 3.14
CA THR B 129 24.29 -18.92 3.37
C THR B 129 25.19 -19.82 2.46
N ALA B 130 24.63 -20.92 1.98
CA ALA B 130 25.40 -21.93 1.25
C ALA B 130 25.33 -21.80 -0.27
N VAL B 131 24.50 -20.89 -0.76
CA VAL B 131 24.30 -20.73 -2.20
C VAL B 131 24.59 -19.28 -2.62
N PRO B 132 25.67 -19.06 -3.39
CA PRO B 132 26.17 -17.70 -3.59
C PRO B 132 25.15 -16.75 -4.19
N GLN B 133 24.27 -17.25 -5.06
CA GLN B 133 23.22 -16.40 -5.59
C GLN B 133 22.24 -15.96 -4.50
N MET B 134 21.96 -16.85 -3.54
CA MET B 134 21.19 -16.53 -2.31
C MET B 134 21.91 -15.45 -1.53
N ARG B 135 23.17 -15.75 -1.20
CA ARG B 135 24.07 -14.84 -0.51
C ARG B 135 24.10 -13.47 -1.17
N LYS B 136 24.03 -13.47 -2.51
CA LYS B 136 24.27 -12.27 -3.29
C LYS B 136 23.13 -11.32 -3.07
N ILE B 137 21.90 -11.87 -3.07
CA ILE B 137 20.70 -11.07 -2.84
C ILE B 137 20.72 -10.60 -1.38
N VAL B 138 20.97 -11.55 -0.48
CA VAL B 138 21.03 -11.22 0.95
C VAL B 138 22.10 -10.18 1.24
N SER B 139 23.29 -10.36 0.67
CA SER B 139 24.34 -9.38 0.85
C SER B 139 23.92 -8.02 0.28
N ALA B 140 23.35 -8.06 -0.92
CA ALA B 140 22.87 -6.83 -1.54
C ALA B 140 21.84 -6.12 -0.69
N LEU B 141 20.82 -6.85 -0.25
CA LEU B 141 19.75 -6.27 0.58
C LEU B 141 20.21 -5.62 1.88
N ILE B 142 21.08 -6.29 2.62
CA ILE B 142 21.55 -5.79 3.89
C ILE B 142 22.29 -4.50 3.60
N SER B 143 23.05 -4.48 2.50
CA SER B 143 23.90 -3.35 2.11
C SER B 143 23.12 -2.04 1.98
N VAL B 144 21.85 -2.16 1.61
CA VAL B 144 20.87 -1.06 1.66
C VAL B 144 20.78 -0.42 3.08
N ILE B 145 20.96 -1.24 4.11
CA ILE B 145 20.63 -0.90 5.50
C ILE B 145 21.55 0.18 6.08
N PRO B 146 22.88 0.00 5.97
CA PRO B 146 23.74 1.03 6.56
C PRO B 146 23.37 2.45 6.05
N GLY B 147 23.01 2.54 4.77
CA GLY B 147 22.54 3.78 4.17
C GLY B 147 21.35 4.38 4.87
N MET B 148 20.55 3.49 5.49
CA MET B 148 19.29 3.86 6.14
C MET B 148 19.41 3.92 7.65
N LEU B 149 20.57 3.60 8.21
CA LEU B 149 20.71 3.68 9.66
C LEU B 149 20.33 5.02 10.23
N SER B 150 20.44 6.06 9.43
CA SER B 150 20.08 7.36 9.96
C SER B 150 18.56 7.49 10.01
N VAL B 151 17.88 6.93 9.00
CA VAL B 151 16.42 6.99 8.95
C VAL B 151 15.72 6.15 10.01
N ILE B 152 16.17 4.91 10.17
CA ILE B 152 15.66 4.01 11.19
C ILE B 152 15.84 4.64 12.57
N ALA B 153 16.93 5.37 12.76
CA ALA B 153 17.11 5.96 14.06
C ALA B 153 16.05 7.03 14.21
N LEU B 154 15.88 7.83 13.16
CA LEU B 154 14.85 8.87 13.13
C LEU B 154 13.42 8.32 13.33
N MET B 155 13.06 7.31 12.53
CA MET B 155 11.74 6.65 12.62
C MET B 155 11.44 6.08 14.01
N THR B 156 12.40 5.33 14.56
CA THR B 156 12.29 4.76 15.88
C THR B 156 12.22 5.85 16.95
N LEU B 157 12.87 6.97 16.71
CA LEU B 157 12.80 8.02 17.69
C LEU B 157 11.38 8.60 17.61
N PHE B 158 10.91 8.84 16.38
CA PHE B 158 9.55 9.38 16.13
C PHE B 158 8.43 8.47 16.72
N PHE B 159 8.51 7.17 16.46
CA PHE B 159 7.60 6.26 17.07
C PHE B 159 7.64 6.37 18.59
N TYR B 160 8.82 6.38 19.15
CA TYR B 160 9.00 6.38 20.60
C TYR B 160 8.29 7.57 21.20
N ILE B 161 8.48 8.74 20.58
CA ILE B 161 7.89 10.01 21.04
C ILE B 161 6.35 10.06 20.94
N PHE B 162 5.82 9.70 19.78
CA PHE B 162 4.36 9.64 19.57
C PHE B 162 3.75 8.52 20.42
N ALA B 163 4.50 7.45 20.68
CA ALA B 163 4.03 6.35 21.55
C ALA B 163 3.80 6.78 23.01
N ILE B 164 4.69 7.61 23.53
CA ILE B 164 4.56 8.06 24.91
C ILE B 164 3.27 8.87 25.02
N MET B 165 3.09 9.81 24.09
CA MET B 165 1.93 10.70 24.08
C MET B 165 0.67 9.87 24.06
N ALA B 166 0.63 8.82 23.25
CA ALA B 166 -0.57 8.02 23.24
C ALA B 166 -0.91 7.46 24.63
N THR B 167 0.05 6.82 25.28
CA THR B 167 -0.22 6.25 26.59
C THR B 167 -0.70 7.28 27.60
N GLN B 168 -0.19 8.49 27.57
CA GLN B 168 -0.62 9.45 28.59
C GLN B 168 -1.92 10.04 28.10
N LEU B 169 -2.13 10.06 26.79
CA LEU B 169 -3.40 10.58 26.26
C LEU B 169 -4.53 9.51 26.26
N PHE B 170 -4.25 8.25 25.98
CA PHE B 170 -5.41 7.40 25.75
C PHE B 170 -5.49 6.12 26.56
N GLY B 171 -4.46 5.82 27.30
CA GLY B 171 -4.31 4.55 27.98
C GLY B 171 -5.37 4.15 28.99
N GLU B 172 -5.85 5.07 29.81
CA GLU B 172 -6.77 4.68 30.87
C GLU B 172 -8.15 4.24 30.35
N ARG B 173 -8.68 4.90 29.30
CA ARG B 173 -10.00 4.55 28.73
C ARG B 173 -9.86 3.49 27.64
N PHE B 174 -8.66 3.30 27.12
CA PHE B 174 -8.36 2.29 26.09
C PHE B 174 -7.08 1.53 26.45
N PRO B 175 -7.13 0.77 27.56
CA PRO B 175 -5.92 0.06 28.03
C PRO B 175 -5.37 -0.98 27.05
N GLU B 176 -6.26 -1.70 26.35
CA GLU B 176 -5.82 -2.71 25.38
C GLU B 176 -4.87 -2.15 24.31
N TRP B 177 -5.22 -1.00 23.75
CA TRP B 177 -4.48 -0.40 22.62
C TRP B 177 -3.33 0.54 23.04
N PHE B 178 -3.54 1.25 24.14
CA PHE B 178 -2.67 2.34 24.53
C PHE B 178 -2.33 2.31 26.00
N GLY B 179 -2.72 1.26 26.70
CA GLY B 179 -2.57 1.30 28.14
C GLY B 179 -1.14 1.43 28.57
N THR B 180 -0.25 1.13 27.64
CA THR B 180 1.16 0.90 27.90
C THR B 180 2.10 1.24 26.69
N LEU B 181 3.36 1.53 26.97
CA LEU B 181 4.29 1.84 25.89
C LEU B 181 4.39 0.77 24.84
N GLY B 182 4.58 -0.47 25.25
CA GLY B 182 4.66 -1.52 24.26
C GLY B 182 3.36 -1.67 23.48
N GLU B 183 2.26 -1.40 24.16
CA GLU B 183 0.99 -1.54 23.51
C GLU B 183 0.80 -0.38 22.56
N SER B 184 1.26 0.79 23.02
CA SER B 184 1.14 2.02 22.23
C SER B 184 2.02 1.98 21.02
N PHE B 185 3.22 1.42 21.23
CA PHE B 185 4.08 1.13 20.14
C PHE B 185 3.42 0.35 19.06
N TYR B 186 2.85 -0.76 19.52
CA TYR B 186 2.11 -1.71 18.72
C TYR B 186 0.96 -1.04 17.98
N THR B 187 0.15 -0.30 18.70
CA THR B 187 -0.97 0.28 18.01
C THR B 187 -0.43 1.22 16.90
N LEU B 188 0.54 2.08 17.27
CA LEU B 188 1.25 2.96 16.34
C LEU B 188 1.93 2.19 15.19
N PHE B 189 2.56 1.08 15.48
CA PHE B 189 3.05 0.33 14.38
C PHE B 189 1.92 -0.07 13.43
N GLN B 190 0.82 -0.56 13.99
CA GLN B 190 -0.40 -0.88 13.21
C GLN B 190 -0.93 0.29 12.34
N VAL B 191 -0.98 1.45 12.93
CA VAL B 191 -1.48 2.60 12.17
C VAL B 191 -0.53 2.92 10.96
N MET B 192 0.74 2.67 11.23
CA MET B 192 1.73 2.88 10.18
C MET B 192 1.56 1.81 9.07
N THR B 193 1.15 0.58 9.40
CA THR B 193 0.85 -0.30 8.25
C THR B 193 -0.53 0.05 7.62
N LEU B 194 -1.14 1.16 8.06
CA LEU B 194 -2.48 1.57 7.59
C LEU B 194 -3.53 0.46 7.77
N ASP B 195 -3.38 -0.43 8.76
CA ASP B 195 -4.21 -1.63 8.86
C ASP B 195 -5.46 -1.34 9.67
N ASP B 196 -6.61 -1.19 9.03
CA ASP B 196 -7.83 -0.96 9.80
C ASP B 196 -7.60 0.21 10.78
N TRP B 197 -6.95 1.26 10.34
CA TRP B 197 -6.59 2.23 11.36
C TRP B 197 -7.75 3.08 11.83
N SER B 198 -8.63 3.43 10.91
CA SER B 198 -9.74 4.38 11.21
C SER B 198 -11.01 3.82 11.87
N ASN B 199 -11.76 3.03 11.12
CA ASN B 199 -12.89 2.40 11.72
C ASN B 199 -12.35 1.57 12.88
N GLY B 200 -11.18 0.96 12.83
CA GLY B 200 -10.89 0.05 13.91
C GLY B 200 -10.30 0.68 15.15
N ILE B 201 -9.65 1.82 15.03
CA ILE B 201 -8.95 2.40 16.19
C ILE B 201 -9.29 3.88 16.35
N VAL B 202 -9.13 4.62 15.27
CA VAL B 202 -9.22 6.04 15.50
C VAL B 202 -10.70 6.47 15.68
N ARG B 203 -11.61 5.91 14.89
CA ARG B 203 -13.02 6.23 15.07
C ARG B 203 -13.51 5.90 16.50
N PRO B 204 -13.24 4.67 17.02
CA PRO B 204 -13.61 4.48 18.42
C PRO B 204 -13.04 5.48 19.32
N LEU B 205 -11.75 5.76 19.19
CA LEU B 205 -11.10 6.78 19.99
C LEU B 205 -11.83 8.12 20.00
N MET B 206 -12.33 8.51 18.85
CA MET B 206 -13.04 9.78 18.65
C MET B 206 -14.45 9.77 19.32
N GLU B 207 -14.97 8.58 19.65
CA GLU B 207 -16.23 8.66 20.36
C GLU B 207 -16.02 9.30 21.74
N VAL B 208 -14.92 8.98 22.38
CA VAL B 208 -14.56 9.54 23.67
C VAL B 208 -13.63 10.76 23.60
N TYR B 209 -12.76 10.80 22.60
CA TYR B 209 -11.75 11.85 22.54
C TYR B 209 -11.84 12.41 21.14
N PRO B 210 -12.77 13.33 21.00
CA PRO B 210 -13.13 13.88 19.70
C PRO B 210 -12.03 14.46 18.88
N TYR B 211 -10.88 14.83 19.45
CA TYR B 211 -9.86 15.53 18.65
C TYR B 211 -8.70 14.66 18.17
N ALA B 212 -8.89 13.36 18.31
CA ALA B 212 -7.89 12.33 18.06
C ALA B 212 -7.42 12.44 16.61
N TYR B 213 -8.20 13.07 15.73
CA TYR B 213 -7.75 13.17 14.34
C TYR B 213 -6.53 14.07 14.27
N VAL B 214 -6.25 14.84 15.32
CA VAL B 214 -5.11 15.79 15.27
C VAL B 214 -3.70 15.15 15.52
N PHE B 215 -3.73 13.99 16.17
CA PHE B 215 -2.58 13.17 16.48
C PHE B 215 -2.34 12.17 15.37
N PHE B 216 -3.40 11.47 15.01
CA PHE B 216 -3.22 10.35 14.12
C PHE B 216 -3.13 10.72 12.68
N ILE B 217 -3.74 11.83 12.26
CA ILE B 217 -3.59 12.11 10.84
C ILE B 217 -2.23 12.71 10.47
N PRO B 218 -1.71 13.69 11.26
CA PRO B 218 -0.30 14.12 11.12
C PRO B 218 0.67 12.96 11.22
N PHE B 219 0.45 12.08 12.20
CA PHE B 219 1.25 10.87 12.35
C PHE B 219 1.28 10.13 11.03
N ILE B 220 0.15 10.04 10.35
CA ILE B 220 0.04 9.31 9.09
C ILE B 220 0.83 9.97 7.95
N PHE B 221 0.61 11.28 7.84
CA PHE B 221 1.27 12.12 6.88
C PHE B 221 2.80 11.98 7.00
N VAL B 222 3.32 12.05 8.23
CA VAL B 222 4.76 12.01 8.48
C VAL B 222 5.38 10.67 8.22
N VAL B 223 4.79 9.65 8.78
CA VAL B 223 5.34 8.34 8.64
C VAL B 223 5.22 7.82 7.21
N THR B 224 4.15 8.18 6.54
CA THR B 224 3.99 7.77 5.14
C THR B 224 5.08 8.50 4.34
N PHE B 225 5.16 9.83 4.55
CA PHE B 225 6.16 10.70 3.91
C PHE B 225 7.61 10.20 3.97
N VAL B 226 8.07 9.82 5.15
CA VAL B 226 9.46 9.41 5.37
C VAL B 226 9.73 8.13 4.61
N MET B 227 8.74 7.25 4.70
CA MET B 227 8.73 6.01 3.97
C MET B 227 8.90 6.26 2.48
N ILE B 228 8.05 7.11 1.94
CA ILE B 228 8.02 7.30 0.52
C ILE B 228 9.31 7.85 0.02
N ASN B 229 9.80 8.88 0.68
CA ASN B 229 11.03 9.54 0.26
C ASN B 229 12.28 8.71 0.45
N LEU B 230 12.34 7.96 1.52
CA LEU B 230 13.51 7.16 1.78
C LEU B 230 13.63 6.21 0.63
N VAL B 231 12.50 5.71 0.20
CA VAL B 231 12.52 4.66 -0.78
C VAL B 231 13.22 5.21 -2.01
N VAL B 232 12.98 6.48 -2.29
CA VAL B 232 13.58 7.08 -3.46
C VAL B 232 15.08 6.98 -3.31
N ALA B 233 15.59 7.16 -2.09
CA ALA B 233 17.03 7.21 -1.86
C ALA B 233 17.68 5.92 -2.26
N ILE B 234 17.02 4.81 -2.03
CA ILE B 234 17.58 3.55 -2.43
C ILE B 234 17.74 3.57 -3.93
N ILE B 235 16.75 4.11 -4.63
CA ILE B 235 16.82 4.29 -6.10
C ILE B 235 18.05 5.10 -6.56
N VAL B 236 18.22 6.33 -6.08
CA VAL B 236 19.25 7.22 -6.61
C VAL B 236 20.63 6.64 -6.28
N ASP B 237 20.75 6.06 -5.08
CA ASP B 237 22.01 5.49 -4.62
C ASP B 237 22.24 4.13 -5.29
N MET C 19 31.63 39.24 29.52
CA MET C 19 30.40 38.46 29.70
C MET C 19 30.11 37.69 28.43
N TYR C 20 29.93 38.44 27.35
CA TYR C 20 29.85 37.87 26.02
C TYR C 20 31.04 36.95 25.73
N LEU C 21 32.25 37.39 26.07
CA LEU C 21 33.43 36.59 25.77
C LEU C 21 33.70 35.32 26.62
N ARG C 22 33.31 35.28 27.91
CA ARG C 22 33.56 34.07 28.75
C ARG C 22 32.66 32.91 28.33
N ILE C 23 31.40 33.26 28.17
CA ILE C 23 30.33 32.42 27.64
C ILE C 23 30.60 31.79 26.27
N THR C 24 30.94 32.59 25.27
CA THR C 24 31.21 32.08 23.91
C THR C 24 32.12 30.87 23.91
N ASN C 25 33.12 30.85 24.77
CA ASN C 25 34.05 29.72 24.78
C ASN C 25 33.42 28.50 25.46
N ILE C 26 32.45 28.72 26.34
CA ILE C 26 31.68 27.62 26.95
C ILE C 26 30.68 26.93 26.00
N VAL C 27 29.75 27.72 25.46
CA VAL C 27 28.70 27.22 24.58
C VAL C 27 29.13 26.44 23.33
N GLU C 28 30.26 26.79 22.74
CA GLU C 28 30.71 26.11 21.53
C GLU C 28 31.59 24.90 21.81
N SER C 29 31.83 24.61 23.09
CA SER C 29 32.77 23.56 23.44
C SER C 29 32.15 22.20 23.20
N SER C 30 33.00 21.19 23.06
CA SER C 30 32.48 19.84 22.89
C SER C 30 31.92 19.27 24.19
N PHE C 31 31.93 20.08 25.26
CA PHE C 31 31.36 19.66 26.52
C PHE C 31 29.95 20.18 26.70
N PHE C 32 29.70 21.41 26.24
CA PHE C 32 28.38 22.00 26.34
C PHE C 32 27.32 21.23 25.55
N THR C 33 27.60 21.02 24.26
CA THR C 33 26.69 20.28 23.38
C THR C 33 26.59 18.81 23.80
N LYS C 34 27.71 18.22 24.21
CA LYS C 34 27.71 16.83 24.69
C LYS C 34 26.94 16.68 25.99
N PHE C 35 27.01 17.70 26.84
CA PHE C 35 26.34 17.66 28.12
C PHE C 35 24.86 17.66 27.80
N ILE C 36 24.43 18.63 26.98
CA ILE C 36 23.03 18.76 26.62
C ILE C 36 22.51 17.52 25.91
N ILE C 37 23.26 17.03 24.95
CA ILE C 37 22.84 15.85 24.22
C ILE C 37 22.68 14.61 25.08
N TYR C 38 23.60 14.38 26.01
CA TYR C 38 23.54 13.25 26.95
C TYR C 38 22.24 13.37 27.79
N LEU C 39 21.93 14.56 28.25
CA LEU C 39 20.72 14.84 29.03
C LEU C 39 19.41 14.50 28.28
N ILE C 40 19.43 14.67 26.97
CA ILE C 40 18.24 14.42 26.13
C ILE C 40 17.97 12.93 26.14
N VAL C 41 19.02 12.14 25.95
CA VAL C 41 18.86 10.71 25.96
C VAL C 41 18.42 10.26 27.32
N LEU C 42 18.93 10.93 28.35
CA LEU C 42 18.53 10.55 29.68
C LEU C 42 17.09 10.92 29.91
N ASN C 43 16.74 12.14 29.51
CA ASN C 43 15.38 12.58 29.71
C ASN C 43 14.47 11.61 28.99
N GLY C 44 14.89 11.15 27.81
CA GLY C 44 14.04 10.26 27.06
C GLY C 44 13.88 8.88 27.64
N ILE C 45 14.90 8.31 28.26
CA ILE C 45 14.72 7.02 28.96
C ILE C 45 13.82 7.12 30.20
N THR C 46 13.95 8.22 30.95
CA THR C 46 13.16 8.43 32.16
C THR C 46 11.75 8.69 31.68
N MET C 47 11.62 9.33 30.54
CA MET C 47 10.29 9.62 30.02
C MET C 47 9.50 8.37 29.64
N GLY C 48 10.20 7.34 29.20
CA GLY C 48 9.55 6.05 29.06
C GLY C 48 9.02 5.60 30.40
N LEU C 49 9.88 5.59 31.41
CA LEU C 49 9.48 5.25 32.78
C LEU C 49 8.29 6.01 33.33
N GLU C 50 8.10 7.29 32.99
CA GLU C 50 6.93 8.03 33.51
C GLU C 50 5.56 7.50 33.05
N THR C 51 5.55 6.56 32.11
CA THR C 51 4.33 5.99 31.58
C THR C 51 3.83 4.84 32.45
N SER C 52 4.77 4.19 33.14
CA SER C 52 4.45 3.14 34.10
C SER C 52 3.95 3.70 35.40
N LYS C 53 2.73 3.32 35.75
CA LYS C 53 2.09 3.73 37.00
C LYS C 53 2.75 3.01 38.19
N THR C 54 3.31 1.83 37.93
CA THR C 54 4.16 1.10 38.87
C THR C 54 5.32 2.00 39.35
N PHE C 55 6.24 2.31 38.43
CA PHE C 55 7.40 3.19 38.64
C PHE C 55 7.04 4.51 39.34
N MET C 56 5.86 5.05 39.08
CA MET C 56 5.40 6.36 39.57
C MET C 56 5.20 6.36 41.10
N GLN C 57 4.54 5.34 41.62
CA GLN C 57 4.23 5.26 43.03
C GLN C 57 5.50 5.25 43.89
N SER C 58 6.40 4.31 43.64
CA SER C 58 7.66 4.27 44.39
C SER C 58 8.77 5.24 43.97
N PHE C 59 9.02 5.42 42.68
CA PHE C 59 10.13 6.29 42.29
C PHE C 59 9.76 7.20 41.15
N GLY C 60 8.77 8.07 41.38
CA GLY C 60 8.41 9.05 40.38
C GLY C 60 8.47 10.47 40.90
N VAL C 61 8.57 10.62 42.21
CA VAL C 61 8.75 11.96 42.74
C VAL C 61 10.16 12.39 42.36
N TYR C 62 11.03 11.40 42.21
CA TYR C 62 12.35 11.58 41.60
C TYR C 62 12.37 12.26 40.23
N THR C 63 11.49 11.79 39.35
CA THR C 63 11.48 12.24 37.97
C THR C 63 10.83 13.60 37.68
N THR C 64 9.84 13.98 38.48
CA THR C 64 9.13 15.23 38.23
C THR C 64 10.07 16.43 38.43
N LEU C 65 10.99 16.29 39.38
CA LEU C 65 11.94 17.34 39.70
C LEU C 65 13.15 17.26 38.77
N PHE C 66 13.55 16.03 38.42
CA PHE C 66 14.59 15.79 37.42
C PHE C 66 14.20 16.54 36.16
N ASN C 67 12.92 16.43 35.83
CA ASN C 67 12.34 17.14 34.70
C ASN C 67 12.58 18.64 34.82
N GLN C 68 12.42 19.16 36.03
CA GLN C 68 12.51 20.58 36.26
C GLN C 68 13.96 21.06 36.27
N ILE C 69 14.90 20.17 36.56
CA ILE C 69 16.30 20.55 36.44
C ILE C 69 16.69 20.71 34.98
N VAL C 70 16.33 19.73 34.15
CA VAL C 70 16.61 19.80 32.73
C VAL C 70 15.94 20.97 32.03
N ILE C 71 14.76 21.33 32.46
CA ILE C 71 14.04 22.36 31.74
C ILE C 71 14.71 23.68 32.05
N THR C 72 15.31 23.76 33.23
CA THR C 72 16.03 24.96 33.60
C THR C 72 17.37 24.95 32.84
N ILE C 73 18.13 23.85 32.94
CA ILE C 73 19.36 23.66 32.17
C ILE C 73 19.20 23.97 30.67
N PHE C 74 18.09 23.57 30.07
CA PHE C 74 17.90 23.87 28.67
C PHE C 74 17.61 25.34 28.46
N THR C 75 16.87 25.93 29.41
CA THR C 75 16.45 27.33 29.32
C THR C 75 17.62 28.28 29.41
N ILE C 76 18.55 27.97 30.32
CA ILE C 76 19.77 28.74 30.44
C ILE C 76 20.61 28.67 29.17
N GLU C 77 20.84 27.45 28.71
CA GLU C 77 21.50 27.14 27.45
C GLU C 77 20.96 27.95 26.28
N ILE C 78 19.64 28.06 26.19
CA ILE C 78 19.01 28.77 25.08
C ILE C 78 19.34 30.27 25.19
N ILE C 79 19.26 30.82 26.39
CA ILE C 79 19.54 32.24 26.62
C ILE C 79 20.97 32.54 26.22
N LEU C 80 21.93 31.77 26.73
CA LEU C 80 23.34 31.92 26.32
C LEU C 80 23.50 31.93 24.80
N ARG C 81 22.91 30.94 24.12
CA ARG C 81 23.06 30.85 22.68
C ARG C 81 22.46 32.07 22.00
N ILE C 82 21.45 32.67 22.62
CA ILE C 82 20.82 33.87 22.08
C ILE C 82 21.68 35.11 22.35
N TYR C 83 22.43 35.10 23.45
CA TYR C 83 23.40 36.16 23.73
C TYR C 83 24.56 36.08 22.73
N VAL C 84 25.04 34.85 22.51
CA VAL C 84 26.16 34.61 21.61
C VAL C 84 25.79 34.82 20.15
N HIS C 85 24.68 34.25 19.70
CA HIS C 85 24.36 34.31 18.29
C HIS C 85 23.50 35.53 17.99
N ARG C 86 22.85 36.09 19.03
CA ARG C 86 22.04 37.31 18.89
C ARG C 86 20.98 37.12 17.80
N ILE C 87 20.86 38.08 16.90
CA ILE C 87 19.77 38.11 15.92
C ILE C 87 19.88 36.92 14.97
N SER C 88 21.09 36.40 14.78
CA SER C 88 21.29 35.29 13.84
C SER C 88 20.74 33.96 14.39
N PHE C 89 20.39 33.96 15.68
CA PHE C 89 19.70 32.83 16.35
C PHE C 89 18.34 32.48 15.75
N PHE C 90 17.58 33.52 15.45
CA PHE C 90 16.20 33.41 15.01
C PHE C 90 16.11 33.36 13.48
N LYS C 91 17.24 33.24 12.81
CA LYS C 91 17.22 32.95 11.38
C LYS C 91 17.64 31.50 11.15
N ASP C 92 17.83 30.79 12.25
CA ASP C 92 18.16 29.36 12.19
C ASP C 92 16.93 28.51 12.51
N PRO C 93 16.38 27.84 11.48
CA PRO C 93 15.20 27.01 11.70
C PRO C 93 15.39 25.95 12.80
N TRP C 94 16.58 25.38 12.91
CA TRP C 94 16.91 24.37 13.94
C TRP C 94 16.91 24.98 15.32
N SER C 95 17.30 26.25 15.39
CA SER C 95 17.45 26.92 16.68
C SER C 95 16.08 27.41 17.11
N LEU C 96 15.33 27.94 16.14
CA LEU C 96 13.95 28.30 16.36
C LEU C 96 13.14 27.13 16.89
N PHE C 97 13.34 25.95 16.31
CA PHE C 97 12.64 24.76 16.80
C PHE C 97 12.91 24.49 18.27
N ASP C 98 14.20 24.50 18.61
CA ASP C 98 14.70 24.28 19.97
C ASP C 98 14.04 25.29 20.94
N PHE C 99 13.99 26.55 20.52
CA PHE C 99 13.37 27.59 21.32
C PHE C 99 11.92 27.22 21.58
N PHE C 100 11.13 27.12 20.52
CA PHE C 100 9.70 26.88 20.69
C PHE C 100 9.43 25.56 21.38
N VAL C 101 10.28 24.56 21.14
CA VAL C 101 10.09 23.28 21.80
C VAL C 101 10.40 23.35 23.30
N VAL C 102 11.36 24.18 23.69
CA VAL C 102 11.67 24.30 25.10
C VAL C 102 10.74 25.29 25.83
N ALA C 103 10.26 26.30 25.11
CA ALA C 103 9.31 27.26 25.69
C ALA C 103 8.05 26.61 26.24
N ILE C 104 7.25 25.98 25.37
CA ILE C 104 5.97 25.37 25.76
C ILE C 104 6.15 24.27 26.81
N SER C 105 7.38 23.78 26.88
CA SER C 105 7.84 22.73 27.78
C SER C 105 8.21 23.27 29.16
N LEU C 106 8.08 24.59 29.31
CA LEU C 106 8.39 25.25 30.58
C LEU C 106 7.22 25.47 31.54
N VAL C 107 5.98 25.60 31.09
CA VAL C 107 4.94 25.80 32.10
C VAL C 107 4.80 24.54 33.02
N PRO C 108 4.73 24.75 34.32
CA PRO C 108 4.74 23.64 35.24
C PRO C 108 3.43 22.91 35.09
N THR C 109 3.37 21.67 35.56
CA THR C 109 2.19 20.87 35.31
C THR C 109 0.97 21.59 35.90
N SER C 110 1.12 22.13 37.09
CA SER C 110 0.20 23.15 37.62
C SER C 110 -1.19 22.65 37.99
N SER C 111 -1.85 21.99 37.05
CA SER C 111 -3.27 21.62 37.12
C SER C 111 -4.24 22.63 36.53
N GLY C 112 -3.71 23.64 35.85
CA GLY C 112 -4.53 24.52 35.06
C GLY C 112 -5.19 23.77 33.92
N PHE C 113 -4.44 22.85 33.32
CA PHE C 113 -4.92 22.06 32.18
C PHE C 113 -4.09 20.79 31.95
N GLU C 114 -4.55 19.88 31.08
CA GLU C 114 -3.75 18.67 30.81
C GLU C 114 -3.13 18.51 29.43
N ILE C 115 -3.71 19.16 28.43
CA ILE C 115 -3.28 18.99 27.03
C ILE C 115 -1.84 19.48 26.82
N LEU C 116 -1.48 20.56 27.51
CA LEU C 116 -0.17 21.20 27.37
C LEU C 116 0.92 20.31 27.92
N ARG C 117 0.51 19.48 28.88
CA ARG C 117 1.40 18.52 29.55
C ARG C 117 1.98 17.43 28.65
N VAL C 118 1.21 16.98 27.67
CA VAL C 118 1.67 15.90 26.82
C VAL C 118 2.50 16.29 25.60
N LEU C 119 2.30 17.50 25.09
CA LEU C 119 3.13 18.07 24.02
C LEU C 119 4.62 18.20 24.45
N ARG C 120 4.86 18.34 25.76
CA ARG C 120 6.19 18.38 26.36
C ARG C 120 7.17 17.30 25.91
N VAL C 121 6.68 16.11 25.60
CA VAL C 121 7.54 15.00 25.17
C VAL C 121 8.27 15.38 23.87
N LEU C 122 7.73 16.35 23.12
CA LEU C 122 8.38 16.84 21.88
C LEU C 122 9.82 17.33 22.06
N ARG C 123 10.24 17.46 23.31
CA ARG C 123 11.55 17.97 23.57
C ARG C 123 12.54 16.86 23.33
N LEU C 124 12.10 15.65 23.05
CA LEU C 124 13.10 14.68 22.68
C LEU C 124 13.52 14.93 21.24
N PHE C 125 12.75 15.74 20.52
CA PHE C 125 13.11 16.11 19.15
C PHE C 125 14.32 17.04 19.10
N ARG C 126 14.87 17.36 20.27
CA ARG C 126 16.10 18.15 20.36
C ARG C 126 17.30 17.31 19.95
N LEU C 127 17.25 16.03 20.26
CA LEU C 127 18.24 15.10 19.74
C LEU C 127 18.43 15.22 18.22
N VAL C 128 17.37 15.55 17.50
CA VAL C 128 17.48 15.82 16.06
C VAL C 128 18.18 17.16 15.80
N THR C 129 17.83 18.20 16.56
CA THR C 129 18.40 19.52 16.31
C THR C 129 19.89 19.55 16.52
N ALA C 130 20.41 18.62 17.31
CA ALA C 130 21.74 18.81 17.87
C ALA C 130 22.72 17.74 17.41
N VAL C 131 22.21 16.65 16.86
CA VAL C 131 23.06 15.65 16.25
C VAL C 131 23.03 15.80 14.72
N PRO C 132 24.19 16.11 14.12
CA PRO C 132 24.39 16.39 12.68
C PRO C 132 23.96 15.34 11.63
N GLN C 133 24.10 14.04 11.91
CA GLN C 133 23.69 13.04 10.93
C GLN C 133 22.18 13.08 10.67
N MET C 134 21.44 13.19 11.74
CA MET C 134 19.98 13.33 11.73
C MET C 134 19.45 14.67 11.18
N ARG C 135 20.09 15.77 11.54
CA ARG C 135 19.67 17.11 11.10
C ARG C 135 19.62 17.22 9.57
N LYS C 136 20.47 16.48 8.87
CA LYS C 136 20.57 16.63 7.41
C LYS C 136 19.51 15.80 6.67
N ILE C 137 19.22 14.58 7.13
CA ILE C 137 18.10 13.78 6.59
C ILE C 137 16.79 14.55 6.74
N VAL C 138 16.57 15.14 7.90
CA VAL C 138 15.35 15.87 8.13
C VAL C 138 15.29 17.02 7.10
N SER C 139 16.40 17.75 7.03
CA SER C 139 16.64 18.86 6.09
C SER C 139 16.50 18.36 4.63
N ALA C 140 17.11 17.22 4.33
CA ALA C 140 16.97 16.65 2.99
C ALA C 140 15.51 16.41 2.66
N LEU C 141 14.80 15.85 3.65
CA LEU C 141 13.36 15.56 3.55
C LEU C 141 12.49 16.77 3.34
N ILE C 142 12.70 17.81 4.14
CA ILE C 142 11.95 19.05 4.01
C ILE C 142 12.06 19.64 2.62
N SER C 143 13.23 19.51 1.99
CA SER C 143 13.47 20.14 0.70
C SER C 143 12.65 19.56 -0.45
N VAL C 144 12.13 18.35 -0.24
CA VAL C 144 11.20 17.72 -1.18
C VAL C 144 9.90 18.50 -1.16
N ILE C 145 9.59 19.12 -0.03
CA ILE C 145 8.26 19.67 0.16
C ILE C 145 7.86 20.92 -0.64
N PRO C 146 8.72 21.95 -0.68
CA PRO C 146 8.35 23.18 -1.39
C PRO C 146 7.86 22.97 -2.82
N GLY C 147 8.42 22.02 -3.54
CA GLY C 147 7.95 21.75 -4.88
C GLY C 147 6.57 21.12 -4.87
N MET C 148 6.30 20.33 -3.84
CA MET C 148 5.06 19.58 -3.80
C MET C 148 3.90 20.51 -3.42
N LEU C 149 4.22 21.63 -2.76
CA LEU C 149 3.22 22.58 -2.22
C LEU C 149 2.13 23.01 -3.17
N SER C 150 2.32 22.66 -4.43
CA SER C 150 1.34 22.98 -5.43
C SER C 150 0.38 21.81 -5.52
N VAL C 151 0.94 20.61 -5.66
CA VAL C 151 0.13 19.39 -5.63
C VAL C 151 -0.64 19.22 -4.32
N ILE C 152 -0.05 19.61 -3.19
CA ILE C 152 -0.77 19.54 -1.92
C ILE C 152 -2.00 20.48 -1.95
N ALA C 153 -1.77 21.74 -2.27
CA ALA C 153 -2.84 22.72 -2.40
C ALA C 153 -3.92 22.21 -3.35
N LEU C 154 -3.50 21.66 -4.48
CA LEU C 154 -4.43 21.13 -5.47
C LEU C 154 -5.29 20.03 -4.93
N MET C 155 -4.65 19.12 -4.22
CA MET C 155 -5.33 17.95 -3.74
C MET C 155 -6.31 18.39 -2.66
N THR C 156 -5.87 19.31 -1.79
CA THR C 156 -6.76 19.93 -0.80
C THR C 156 -7.98 20.63 -1.47
N LEU C 157 -7.77 21.34 -2.58
CA LEU C 157 -8.93 21.96 -3.23
C LEU C 157 -9.81 20.84 -3.75
N PHE C 158 -9.17 19.81 -4.28
CA PHE C 158 -9.88 18.65 -4.82
C PHE C 158 -10.65 17.92 -3.71
N PHE C 159 -9.98 17.78 -2.58
CA PHE C 159 -10.58 17.20 -1.40
C PHE C 159 -11.78 18.06 -0.97
N TYR C 160 -11.55 19.36 -0.98
CA TYR C 160 -12.55 20.33 -0.57
C TYR C 160 -13.83 20.27 -1.39
N ILE C 161 -13.64 20.19 -2.69
CA ILE C 161 -14.77 20.16 -3.61
C ILE C 161 -15.50 18.87 -3.32
N PHE C 162 -14.74 17.83 -3.03
CA PHE C 162 -15.37 16.52 -2.77
C PHE C 162 -15.99 16.37 -1.33
N ALA C 163 -15.43 16.98 -0.30
CA ALA C 163 -16.03 16.87 1.03
C ALA C 163 -17.38 17.57 0.98
N ILE C 164 -17.45 18.66 0.22
CA ILE C 164 -18.72 19.36 0.00
C ILE C 164 -19.67 18.43 -0.73
N MET C 165 -19.22 17.79 -1.80
CA MET C 165 -20.15 16.89 -2.47
C MET C 165 -20.63 15.81 -1.49
N ALA C 166 -19.76 15.36 -0.60
CA ALA C 166 -20.14 14.25 0.27
C ALA C 166 -21.09 14.57 1.43
N THR C 167 -20.82 15.63 2.19
CA THR C 167 -21.78 16.05 3.23
C THR C 167 -23.20 16.16 2.67
N GLN C 168 -23.36 16.90 1.58
CA GLN C 168 -24.68 17.06 0.97
C GLN C 168 -25.24 15.74 0.45
N LEU C 169 -24.40 14.85 -0.07
CA LEU C 169 -25.00 13.64 -0.64
C LEU C 169 -25.27 12.49 0.31
N PHE C 170 -24.55 12.40 1.43
CA PHE C 170 -24.57 11.15 2.18
C PHE C 170 -24.75 11.36 3.67
N GLY C 171 -24.66 12.60 4.07
CA GLY C 171 -24.69 12.99 5.45
C GLY C 171 -26.02 12.89 6.05
N GLU C 172 -27.08 12.82 5.25
CA GLU C 172 -28.37 12.66 5.91
C GLU C 172 -28.63 11.22 6.41
N ARG C 173 -28.19 10.23 5.65
CA ARG C 173 -28.45 8.82 6.02
C ARG C 173 -27.20 8.28 6.66
N PHE C 174 -26.11 8.97 6.50
CA PHE C 174 -24.92 8.49 7.16
C PHE C 174 -24.19 9.62 7.88
N PRO C 175 -24.86 10.16 8.91
CA PRO C 175 -24.30 11.32 9.62
C PRO C 175 -22.97 11.08 10.28
N GLU C 176 -22.66 9.90 10.81
CA GLU C 176 -21.32 9.71 11.40
C GLU C 176 -20.19 9.95 10.42
N TRP C 177 -20.40 9.52 9.18
CA TRP C 177 -19.36 9.51 8.13
C TRP C 177 -19.20 10.84 7.31
N PHE C 178 -20.30 11.55 7.12
CA PHE C 178 -20.44 12.61 6.15
C PHE C 178 -21.36 13.72 6.70
N GLY C 179 -21.60 13.70 8.00
CA GLY C 179 -22.62 14.55 8.59
C GLY C 179 -22.25 15.99 8.62
N THR C 180 -20.99 16.23 8.36
CA THR C 180 -20.36 17.51 8.61
C THR C 180 -19.20 17.64 7.62
N LEU C 181 -18.91 18.86 7.25
CA LEU C 181 -17.76 19.09 6.37
C LEU C 181 -16.56 18.37 6.93
N GLY C 182 -16.29 18.59 8.22
CA GLY C 182 -15.17 17.94 8.88
C GLY C 182 -15.19 16.43 8.74
N GLU C 183 -16.33 15.86 9.11
CA GLU C 183 -16.49 14.42 9.07
C GLU C 183 -16.31 13.92 7.63
N SER C 184 -16.79 14.70 6.68
CA SER C 184 -16.63 14.29 5.32
C SER C 184 -15.17 14.26 4.89
N PHE C 185 -14.37 15.21 5.38
CA PHE C 185 -12.94 15.20 5.05
C PHE C 185 -12.32 13.93 5.61
N TYR C 186 -12.65 13.66 6.88
CA TYR C 186 -12.11 12.50 7.61
C TYR C 186 -12.41 11.24 6.87
N THR C 187 -13.64 11.09 6.41
CA THR C 187 -13.93 9.83 5.77
C THR C 187 -13.16 9.76 4.45
N LEU C 188 -13.07 10.93 3.82
CA LEU C 188 -12.40 11.03 2.53
C LEU C 188 -10.88 10.74 2.58
N PHE C 189 -10.26 11.15 3.69
CA PHE C 189 -8.90 10.79 3.93
C PHE C 189 -8.67 9.28 4.07
N GLN C 190 -9.59 8.68 4.84
CA GLN C 190 -9.60 7.25 5.12
C GLN C 190 -9.63 6.43 3.85
N VAL C 191 -10.51 6.82 2.93
CA VAL C 191 -10.70 6.09 1.65
C VAL C 191 -9.42 6.17 0.82
N MET C 192 -8.84 7.37 0.79
CA MET C 192 -7.56 7.54 0.12
C MET C 192 -6.52 6.53 0.58
N THR C 193 -6.38 6.35 1.90
CA THR C 193 -5.43 5.38 2.43
C THR C 193 -6.02 4.00 2.17
N LEU C 194 -7.12 3.90 1.44
CA LEU C 194 -7.74 2.61 1.23
C LEU C 194 -8.15 1.76 2.45
N ASP C 195 -8.48 2.39 3.60
CA ASP C 195 -8.70 1.70 4.89
C ASP C 195 -10.11 1.19 5.19
N ASP C 196 -10.36 -0.11 4.96
CA ASP C 196 -11.68 -0.69 5.22
C ASP C 196 -12.56 0.18 4.37
N TRP C 197 -12.17 0.42 3.16
CA TRP C 197 -12.96 1.43 2.47
C TRP C 197 -14.31 0.90 1.91
N SER C 198 -14.33 -0.33 1.36
CA SER C 198 -15.51 -0.92 0.69
C SER C 198 -16.51 -1.66 1.58
N ASN C 199 -16.07 -2.80 2.11
CA ASN C 199 -16.90 -3.48 3.06
C ASN C 199 -17.13 -2.43 4.12
N GLY C 200 -16.21 -1.50 4.36
CA GLY C 200 -16.51 -0.71 5.51
C GLY C 200 -17.30 0.59 5.36
N ILE C 201 -17.23 1.22 4.19
CA ILE C 201 -17.95 2.45 3.95
C ILE C 201 -18.81 2.48 2.68
N VAL C 202 -18.23 2.12 1.56
CA VAL C 202 -18.94 2.18 0.31
C VAL C 202 -20.02 1.17 0.15
N ARG C 203 -19.78 -0.05 0.61
CA ARG C 203 -20.78 -1.08 0.46
C ARG C 203 -22.04 -0.74 1.26
N PRO C 204 -21.86 -0.27 2.58
CA PRO C 204 -23.07 0.26 3.19
C PRO C 204 -23.69 1.40 2.45
N LEU C 205 -22.89 2.30 1.96
CA LEU C 205 -23.41 3.53 1.35
C LEU C 205 -24.25 3.08 0.22
N MET C 206 -23.81 2.05 -0.44
CA MET C 206 -24.52 1.53 -1.57
C MET C 206 -25.90 0.88 -1.23
N GLU C 207 -26.23 0.76 0.06
CA GLU C 207 -27.50 0.10 0.38
C GLU C 207 -28.65 1.03 0.29
N VAL C 208 -28.36 2.26 0.64
CA VAL C 208 -29.18 3.40 0.31
C VAL C 208 -28.96 4.02 -1.06
N TYR C 209 -27.70 4.25 -1.37
CA TYR C 209 -27.38 4.92 -2.60
C TYR C 209 -26.54 4.02 -3.48
N PRO C 210 -27.22 3.19 -4.27
CA PRO C 210 -26.57 2.22 -5.13
C PRO C 210 -25.51 2.80 -6.01
N TYR C 211 -25.57 4.09 -6.35
CA TYR C 211 -24.63 4.71 -7.29
C TYR C 211 -23.50 5.40 -6.61
N ALA C 212 -23.30 5.10 -5.35
CA ALA C 212 -22.25 5.74 -4.62
C ALA C 212 -20.94 5.32 -5.26
N TYR C 213 -20.92 4.24 -6.06
CA TYR C 213 -19.64 3.80 -6.63
C TYR C 213 -19.08 4.74 -7.71
N VAL C 214 -19.95 5.57 -8.29
CA VAL C 214 -19.64 6.61 -9.27
C VAL C 214 -18.97 7.82 -8.61
N PHE C 215 -19.05 7.91 -7.29
CA PHE C 215 -18.36 8.97 -6.52
C PHE C 215 -17.05 8.38 -6.05
N PHE C 216 -17.03 7.13 -5.59
CA PHE C 216 -15.80 6.65 -4.92
C PHE C 216 -14.76 5.95 -5.85
N ILE C 217 -15.19 5.32 -6.94
CA ILE C 217 -14.16 4.70 -7.77
C ILE C 217 -13.42 5.81 -8.51
N PRO C 218 -14.17 6.77 -9.14
CA PRO C 218 -13.41 7.91 -9.64
C PRO C 218 -12.58 8.56 -8.57
N PHE C 219 -13.12 8.83 -7.39
CA PHE C 219 -12.33 9.45 -6.35
C PHE C 219 -11.05 8.66 -6.11
N ILE C 220 -11.13 7.35 -6.20
CA ILE C 220 -9.98 6.53 -5.85
C ILE C 220 -8.91 6.53 -6.93
N PHE C 221 -9.32 6.38 -8.18
CA PHE C 221 -8.40 6.50 -9.32
C PHE C 221 -7.63 7.81 -9.24
N VAL C 222 -8.39 8.89 -9.25
CA VAL C 222 -7.79 10.18 -9.19
C VAL C 222 -6.84 10.34 -8.03
N VAL C 223 -7.31 10.06 -6.83
CA VAL C 223 -6.56 10.32 -5.61
C VAL C 223 -5.28 9.52 -5.57
N THR C 224 -5.31 8.37 -6.24
CA THR C 224 -4.17 7.45 -6.27
C THR C 224 -3.25 7.81 -7.43
N PHE C 225 -3.85 8.20 -8.55
CA PHE C 225 -3.06 8.68 -9.67
C PHE C 225 -2.12 9.84 -9.30
N VAL C 226 -2.67 10.83 -8.60
CA VAL C 226 -1.95 12.04 -8.20
C VAL C 226 -0.82 11.74 -7.23
N MET C 227 -1.04 10.75 -6.38
CA MET C 227 -0.10 10.39 -5.36
C MET C 227 1.08 9.69 -6.00
N ILE C 228 0.79 8.77 -6.91
CA ILE C 228 1.85 8.07 -7.56
C ILE C 228 2.69 9.11 -8.31
N ASN C 229 2.04 9.97 -9.07
CA ASN C 229 2.75 10.99 -9.81
C ASN C 229 3.44 12.00 -8.91
N LEU C 230 2.90 12.24 -7.71
CA LEU C 230 3.59 13.11 -6.75
C LEU C 230 4.89 12.49 -6.37
N VAL C 231 4.90 11.18 -6.32
CA VAL C 231 6.12 10.44 -6.00
C VAL C 231 7.11 10.34 -7.18
N VAL C 232 6.62 10.10 -8.39
CA VAL C 232 7.44 10.05 -9.61
C VAL C 232 8.15 11.41 -9.66
N ALA C 233 7.40 12.50 -9.47
CA ALA C 233 7.99 13.82 -9.58
C ALA C 233 9.02 13.98 -8.44
N ILE C 234 8.80 13.33 -7.30
CA ILE C 234 9.79 13.29 -6.21
C ILE C 234 11.08 12.57 -6.71
N ILE C 235 10.92 11.32 -7.19
CA ILE C 235 12.00 10.50 -7.77
C ILE C 235 12.79 11.32 -8.81
N VAL C 236 12.11 11.85 -9.82
CA VAL C 236 12.80 12.51 -10.93
C VAL C 236 13.52 13.77 -10.41
N ASP C 237 12.83 14.57 -9.62
CA ASP C 237 13.40 15.80 -9.07
C ASP C 237 14.52 15.51 -8.06
N MET D 19 -16.12 48.43 -31.00
CA MET D 19 -16.59 47.54 -29.95
C MET D 19 -15.60 46.39 -29.76
N TYR D 20 -15.24 45.74 -30.86
CA TYR D 20 -14.46 44.50 -30.82
C TYR D 20 -13.25 44.57 -29.89
N LEU D 21 -12.33 45.47 -30.17
CA LEU D 21 -11.09 45.57 -29.39
C LEU D 21 -11.24 46.07 -27.93
N ARG D 22 -12.25 46.88 -27.63
CA ARG D 22 -12.47 47.31 -26.24
C ARG D 22 -12.94 46.15 -25.34
N ILE D 23 -13.89 45.36 -25.83
CA ILE D 23 -14.35 44.17 -25.09
C ILE D 23 -13.14 43.24 -24.99
N THR D 24 -12.46 42.99 -26.11
CA THR D 24 -11.31 42.07 -26.13
C THR D 24 -10.27 42.52 -25.07
N ASN D 25 -10.26 43.80 -24.74
CA ASN D 25 -9.29 44.34 -23.81
C ASN D 25 -9.58 44.23 -22.28
N ILE D 26 -10.84 44.23 -21.85
CA ILE D 26 -11.14 44.04 -20.41
C ILE D 26 -11.08 42.56 -19.95
N VAL D 27 -11.56 41.65 -20.78
CA VAL D 27 -11.59 40.23 -20.46
C VAL D 27 -10.14 39.75 -20.29
N GLU D 28 -9.26 40.14 -21.21
CA GLU D 28 -7.85 39.76 -21.15
C GLU D 28 -7.09 40.50 -20.04
N SER D 29 -7.77 41.43 -19.37
CA SER D 29 -7.14 42.27 -18.37
C SER D 29 -6.78 41.45 -17.15
N SER D 30 -5.76 41.89 -16.44
CA SER D 30 -5.41 41.32 -15.16
C SER D 30 -6.41 41.68 -14.07
N PHE D 31 -7.12 42.78 -14.22
CA PHE D 31 -8.12 43.16 -13.21
C PHE D 31 -9.35 42.28 -13.26
N PHE D 32 -9.81 41.97 -14.46
CA PHE D 32 -11.01 41.16 -14.63
C PHE D 32 -10.89 39.82 -13.92
N THR D 33 -9.93 39.02 -14.39
CA THR D 33 -9.75 37.68 -13.89
C THR D 33 -9.48 37.62 -12.39
N LYS D 34 -8.77 38.61 -11.84
CA LYS D 34 -8.52 38.63 -10.40
C LYS D 34 -9.86 38.80 -9.69
N PHE D 35 -10.69 39.64 -10.28
CA PHE D 35 -12.01 39.91 -9.73
C PHE D 35 -12.79 38.60 -9.80
N ILE D 36 -12.72 37.90 -10.94
CA ILE D 36 -13.48 36.65 -11.13
C ILE D 36 -12.97 35.58 -10.16
N ILE D 37 -11.65 35.43 -10.09
CA ILE D 37 -10.98 34.49 -9.17
C ILE D 37 -11.40 34.69 -7.72
N TYR D 38 -11.35 35.95 -7.28
CA TYR D 38 -11.76 36.33 -5.94
C TYR D 38 -13.19 35.82 -5.70
N LEU D 39 -14.06 35.96 -6.71
CA LEU D 39 -15.43 35.47 -6.62
C LEU D 39 -15.46 33.94 -6.48
N ILE D 40 -14.56 33.27 -7.21
CA ILE D 40 -14.47 31.81 -7.16
C ILE D 40 -14.07 31.42 -5.76
N VAL D 41 -13.14 32.19 -5.20
CA VAL D 41 -12.65 31.91 -3.88
C VAL D 41 -13.74 32.23 -2.88
N LEU D 42 -14.54 33.26 -3.13
CA LEU D 42 -15.64 33.56 -2.21
C LEU D 42 -16.78 32.56 -2.24
N ASN D 43 -17.24 32.22 -3.43
CA ASN D 43 -18.32 31.25 -3.58
C ASN D 43 -17.95 29.89 -2.99
N GLY D 44 -16.66 29.60 -2.94
CA GLY D 44 -16.17 28.35 -2.43
C GLY D 44 -16.19 28.37 -0.92
N ILE D 45 -15.82 29.49 -0.32
CA ILE D 45 -15.91 29.61 1.13
C ILE D 45 -17.39 29.55 1.57
N THR D 46 -18.25 30.11 0.74
CA THR D 46 -19.70 30.18 1.01
C THR D 46 -20.36 28.82 0.97
N MET D 47 -19.83 27.96 0.12
CA MET D 47 -20.38 26.64 -0.08
C MET D 47 -20.01 25.76 1.13
N GLY D 48 -18.91 26.12 1.76
CA GLY D 48 -18.39 25.51 2.96
C GLY D 48 -19.26 25.90 4.12
N LEU D 49 -19.87 27.07 3.98
CA LEU D 49 -20.74 27.62 5.00
C LEU D 49 -22.14 26.97 5.06
N GLU D 50 -22.61 26.46 3.92
CA GLU D 50 -23.90 25.77 3.81
C GLU D 50 -23.91 24.40 4.45
N THR D 51 -22.86 24.08 5.18
CA THR D 51 -22.67 22.78 5.78
C THR D 51 -23.19 22.76 7.18
N SER D 52 -23.22 23.92 7.82
CA SER D 52 -23.75 23.99 9.17
C SER D 52 -25.16 24.46 8.92
N LYS D 53 -26.08 23.53 9.10
CA LYS D 53 -27.49 23.79 8.88
C LYS D 53 -28.12 24.72 9.92
N THR D 54 -27.43 24.99 11.02
CA THR D 54 -27.79 26.13 11.87
C THR D 54 -27.72 27.41 11.06
N PHE D 55 -26.53 27.67 10.50
CA PHE D 55 -26.30 28.81 9.62
C PHE D 55 -27.23 28.92 8.41
N MET D 56 -27.52 27.80 7.76
CA MET D 56 -28.25 27.86 6.48
C MET D 56 -29.72 28.24 6.69
N GLN D 57 -30.25 27.88 7.85
CA GLN D 57 -31.63 28.18 8.20
C GLN D 57 -31.69 29.58 8.74
N SER D 58 -30.52 30.15 8.96
CA SER D 58 -30.41 31.47 9.54
C SER D 58 -29.85 32.46 8.53
N PHE D 59 -29.25 32.00 7.43
CA PHE D 59 -28.69 32.97 6.49
C PHE D 59 -28.70 32.48 5.04
N GLY D 60 -29.23 31.28 4.84
CA GLY D 60 -29.25 30.59 3.56
C GLY D 60 -29.88 31.30 2.35
N VAL D 61 -30.83 32.18 2.60
CA VAL D 61 -31.51 32.88 1.50
C VAL D 61 -30.55 33.93 0.91
N TYR D 62 -29.73 34.52 1.77
CA TYR D 62 -28.69 35.44 1.32
C TYR D 62 -27.75 34.73 0.36
N THR D 63 -27.48 33.47 0.61
CA THR D 63 -26.47 32.77 -0.13
C THR D 63 -27.00 31.93 -1.30
N THR D 64 -28.29 31.63 -1.30
CA THR D 64 -28.87 30.87 -2.40
C THR D 64 -29.02 31.75 -3.66
N LEU D 65 -29.11 33.06 -3.47
CA LEU D 65 -29.22 34.01 -4.56
C LEU D 65 -27.88 34.68 -4.80
N PHE D 66 -27.07 34.71 -3.75
CA PHE D 66 -25.67 35.11 -3.83
C PHE D 66 -25.06 34.19 -4.87
N ASN D 67 -25.42 32.91 -4.77
CA ASN D 67 -25.10 31.92 -5.79
C ASN D 67 -25.55 32.47 -7.14
N GLN D 68 -26.84 32.83 -7.26
CA GLN D 68 -27.42 33.24 -8.55
C GLN D 68 -26.71 34.44 -9.17
N ILE D 69 -26.26 35.40 -8.37
CA ILE D 69 -25.59 36.56 -8.98
C ILE D 69 -24.13 36.24 -9.25
N VAL D 70 -23.59 35.28 -8.51
CA VAL D 70 -22.24 34.81 -8.76
C VAL D 70 -22.24 34.05 -10.07
N ILE D 71 -23.28 33.24 -10.27
CA ILE D 71 -23.42 32.42 -11.48
C ILE D 71 -23.80 33.32 -12.67
N THR D 72 -24.39 34.48 -12.36
CA THR D 72 -24.67 35.49 -13.38
C THR D 72 -23.40 36.11 -13.97
N ILE D 73 -22.55 36.63 -13.08
CA ILE D 73 -21.29 37.24 -13.47
C ILE D 73 -20.41 36.29 -14.26
N PHE D 74 -20.40 35.05 -13.80
CA PHE D 74 -19.65 34.00 -14.42
C PHE D 74 -20.25 33.69 -15.78
N THR D 75 -21.57 33.84 -15.86
CA THR D 75 -22.28 33.60 -17.10
C THR D 75 -21.88 34.64 -18.14
N ILE D 76 -21.74 35.88 -17.68
CA ILE D 76 -21.31 36.99 -18.55
C ILE D 76 -19.89 36.76 -19.09
N GLU D 77 -18.96 36.52 -18.19
CA GLU D 77 -17.58 36.22 -18.57
C GLU D 77 -17.53 35.13 -19.64
N ILE D 78 -18.33 34.09 -19.47
CA ILE D 78 -18.35 32.97 -20.41
C ILE D 78 -18.83 33.46 -21.77
N ILE D 79 -19.84 34.31 -21.74
CA ILE D 79 -20.44 34.83 -22.96
C ILE D 79 -19.43 35.69 -23.75
N LEU D 80 -18.79 36.65 -23.07
CA LEU D 80 -17.76 37.51 -23.69
C LEU D 80 -16.58 36.77 -24.31
N ARG D 81 -16.02 35.83 -23.56
CA ARG D 81 -14.87 35.07 -24.00
C ARG D 81 -15.14 34.26 -25.28
N ILE D 82 -16.38 33.83 -25.48
CA ILE D 82 -16.71 33.14 -26.72
C ILE D 82 -16.65 34.07 -27.94
N TYR D 83 -17.16 35.29 -27.77
CA TYR D 83 -17.14 36.34 -28.81
C TYR D 83 -15.71 36.78 -29.14
N VAL D 84 -14.95 37.03 -28.09
CA VAL D 84 -13.52 37.40 -28.15
C VAL D 84 -12.58 36.37 -28.82
N HIS D 85 -12.82 35.08 -28.59
CA HIS D 85 -11.93 34.02 -29.10
C HIS D 85 -12.54 33.32 -30.28
N ARG D 86 -13.83 33.58 -30.48
CA ARG D 86 -14.57 33.04 -31.61
C ARG D 86 -14.34 31.54 -31.65
N ILE D 87 -14.15 30.99 -32.84
CA ILE D 87 -14.05 29.55 -33.00
C ILE D 87 -12.86 28.96 -32.24
N SER D 88 -11.89 29.81 -31.85
CA SER D 88 -10.68 29.36 -31.15
C SER D 88 -10.93 29.06 -29.66
N PHE D 89 -12.11 29.43 -29.16
CA PHE D 89 -12.54 29.16 -27.78
C PHE D 89 -12.77 27.69 -27.50
N PHE D 90 -13.49 27.06 -28.42
CA PHE D 90 -13.91 25.65 -28.34
C PHE D 90 -12.86 24.61 -28.81
N LYS D 91 -11.61 25.03 -29.01
CA LYS D 91 -10.53 24.06 -29.20
C LYS D 91 -9.64 24.10 -27.95
N ASP D 92 -10.06 24.89 -26.95
CA ASP D 92 -9.28 24.98 -25.74
C ASP D 92 -9.94 24.10 -24.71
N PRO D 93 -9.27 23.01 -24.28
CA PRO D 93 -9.83 22.08 -23.30
C PRO D 93 -10.22 22.72 -21.97
N TRP D 94 -9.40 23.65 -21.52
CA TRP D 94 -9.57 24.30 -20.23
C TRP D 94 -10.77 25.26 -20.21
N SER D 95 -11.07 25.84 -21.37
CA SER D 95 -12.13 26.82 -21.49
C SER D 95 -13.48 26.13 -21.68
N LEU D 96 -13.47 25.11 -22.54
CA LEU D 96 -14.59 24.18 -22.76
C LEU D 96 -15.15 23.68 -21.46
N PHE D 97 -14.23 23.27 -20.59
CA PHE D 97 -14.56 22.75 -19.29
C PHE D 97 -15.34 23.81 -18.53
N ASP D 98 -14.79 25.03 -18.47
CA ASP D 98 -15.45 26.16 -17.81
C ASP D 98 -16.86 26.39 -18.31
N PHE D 99 -17.02 26.29 -19.61
CA PHE D 99 -18.31 26.38 -20.25
C PHE D 99 -19.23 25.35 -19.62
N PHE D 100 -18.80 24.10 -19.72
CA PHE D 100 -19.63 22.99 -19.31
C PHE D 100 -19.87 23.00 -17.82
N VAL D 101 -18.85 23.32 -17.04
CA VAL D 101 -18.99 23.31 -15.58
C VAL D 101 -19.90 24.44 -15.07
N VAL D 102 -20.15 25.42 -15.93
CA VAL D 102 -21.04 26.51 -15.57
C VAL D 102 -22.42 26.19 -16.12
N ALA D 103 -22.46 25.80 -17.39
CA ALA D 103 -23.69 25.46 -18.12
C ALA D 103 -24.58 24.53 -17.33
N ILE D 104 -23.94 23.50 -16.79
CA ILE D 104 -24.59 22.53 -15.93
C ILE D 104 -25.33 23.26 -14.83
N SER D 105 -24.64 24.20 -14.18
CA SER D 105 -25.24 25.00 -13.12
C SER D 105 -26.38 25.90 -13.59
N LEU D 106 -26.68 25.92 -14.89
CA LEU D 106 -27.80 26.73 -15.37
C LEU D 106 -29.10 25.93 -15.50
N VAL D 107 -28.99 24.61 -15.52
CA VAL D 107 -30.15 23.74 -15.48
C VAL D 107 -30.81 23.85 -14.09
N PRO D 108 -32.11 24.20 -14.04
CA PRO D 108 -32.86 24.60 -12.83
C PRO D 108 -32.81 23.62 -11.62
N THR D 109 -32.53 24.13 -10.41
CA THR D 109 -32.34 23.32 -9.18
C THR D 109 -33.58 22.47 -8.85
N SER D 110 -34.67 22.78 -9.52
CA SER D 110 -35.91 22.04 -9.43
C SER D 110 -36.33 21.46 -10.78
N SER D 111 -35.45 20.63 -11.35
CA SER D 111 -35.66 20.00 -12.65
C SER D 111 -34.78 18.76 -12.69
N GLY D 112 -34.99 17.90 -13.68
CA GLY D 112 -34.23 16.65 -13.78
C GLY D 112 -34.31 15.91 -12.46
N PHE D 113 -33.31 16.11 -11.60
CA PHE D 113 -33.33 15.61 -10.21
C PHE D 113 -32.29 16.39 -9.37
N GLU D 114 -31.88 15.82 -8.24
CA GLU D 114 -31.07 16.60 -7.29
C GLU D 114 -29.61 16.24 -7.43
N ILE D 115 -29.28 15.48 -8.45
CA ILE D 115 -27.88 15.32 -8.66
C ILE D 115 -27.32 16.62 -9.23
N LEU D 116 -28.12 17.29 -10.09
CA LEU D 116 -27.67 18.53 -10.72
C LEU D 116 -27.31 19.65 -9.74
N ARG D 117 -27.99 19.66 -8.61
CA ARG D 117 -27.76 20.59 -7.53
C ARG D 117 -26.38 20.39 -6.95
N VAL D 118 -25.96 19.12 -6.91
CA VAL D 118 -24.63 18.75 -6.39
C VAL D 118 -23.52 18.91 -7.44
N LEU D 119 -23.85 18.64 -8.69
CA LEU D 119 -22.90 18.85 -9.77
C LEU D 119 -22.48 20.33 -9.94
N ARG D 120 -23.27 21.22 -9.34
CA ARG D 120 -22.97 22.64 -9.31
C ARG D 120 -21.67 22.95 -8.62
N VAL D 121 -21.22 22.07 -7.74
CA VAL D 121 -20.02 22.34 -6.94
C VAL D 121 -18.75 22.23 -7.80
N LEU D 122 -18.84 21.55 -8.94
CA LEU D 122 -17.69 21.41 -9.85
C LEU D 122 -17.16 22.72 -10.45
N ARG D 123 -17.97 23.77 -10.39
CA ARG D 123 -17.55 25.06 -10.90
C ARG D 123 -16.35 25.52 -10.11
N LEU D 124 -16.16 24.96 -8.92
CA LEU D 124 -15.04 25.30 -8.09
C LEU D 124 -13.76 24.78 -8.71
N PHE D 125 -13.89 23.91 -9.69
CA PHE D 125 -12.72 23.43 -10.41
C PHE D 125 -12.21 24.52 -11.29
N ARG D 126 -12.93 25.65 -11.40
CA ARG D 126 -12.42 26.82 -12.16
C ARG D 126 -11.18 27.52 -11.56
N LEU D 127 -10.95 27.32 -10.26
CA LEU D 127 -9.74 27.77 -9.60
C LEU D 127 -8.54 27.13 -10.29
N VAL D 128 -8.70 25.89 -10.71
CA VAL D 128 -7.65 25.22 -11.46
C VAL D 128 -7.60 25.88 -12.82
N THR D 129 -8.75 26.04 -13.44
CA THR D 129 -8.76 26.58 -14.79
C THR D 129 -8.16 27.97 -14.87
N ALA D 130 -8.47 28.80 -13.88
CA ALA D 130 -8.18 30.21 -13.99
C ALA D 130 -6.84 30.58 -13.37
N VAL D 131 -6.16 29.58 -12.82
CA VAL D 131 -4.86 29.82 -12.22
C VAL D 131 -3.82 28.99 -12.96
N PRO D 132 -2.81 29.66 -13.51
CA PRO D 132 -1.88 28.99 -14.41
C PRO D 132 -0.91 28.09 -13.65
N GLN D 133 -0.69 28.37 -12.36
CA GLN D 133 0.16 27.48 -11.57
C GLN D 133 -0.55 26.12 -11.48
N MET D 134 -1.87 26.14 -11.28
CA MET D 134 -2.73 24.94 -11.22
C MET D 134 -2.77 24.25 -12.59
N ARG D 135 -2.97 25.07 -13.62
CA ARG D 135 -2.95 24.63 -15.02
C ARG D 135 -1.62 23.90 -15.29
N LYS D 136 -0.55 24.35 -14.63
CA LYS D 136 0.78 23.79 -14.77
C LYS D 136 0.80 22.31 -14.35
N ILE D 137 0.45 22.12 -13.09
CA ILE D 137 0.31 20.80 -12.50
C ILE D 137 -0.50 19.80 -13.29
N VAL D 138 -1.74 20.17 -13.61
CA VAL D 138 -2.69 19.27 -14.25
C VAL D 138 -2.23 18.72 -15.59
N SER D 139 -1.82 19.61 -16.50
CA SER D 139 -1.32 19.20 -17.80
C SER D 139 -0.22 18.17 -17.66
N ALA D 140 0.72 18.44 -16.75
CA ALA D 140 1.77 17.48 -16.45
C ALA D 140 1.21 16.10 -16.10
N LEU D 141 0.31 16.08 -15.13
CA LEU D 141 -0.41 14.86 -14.74
C LEU D 141 -1.13 14.15 -15.92
N ILE D 142 -1.99 14.90 -16.62
CA ILE D 142 -2.74 14.41 -17.78
C ILE D 142 -1.80 13.80 -18.80
N SER D 143 -0.60 14.36 -18.80
CA SER D 143 0.42 14.07 -19.79
C SER D 143 0.91 12.63 -19.73
N VAL D 144 0.75 12.01 -18.57
CA VAL D 144 1.20 10.65 -18.36
C VAL D 144 0.22 9.58 -18.86
N ILE D 145 -0.99 9.97 -19.21
CA ILE D 145 -2.04 8.99 -19.51
C ILE D 145 -1.86 8.26 -20.85
N PRO D 146 -1.62 8.99 -21.97
CA PRO D 146 -1.50 8.32 -23.26
C PRO D 146 -0.55 7.11 -23.34
N GLY D 147 0.60 7.18 -22.69
CA GLY D 147 1.48 6.03 -22.66
C GLY D 147 0.95 4.86 -21.87
N MET D 148 -0.07 5.13 -21.05
CA MET D 148 -0.67 4.11 -20.20
C MET D 148 -1.85 3.42 -20.85
N LEU D 149 -2.47 4.06 -21.84
CA LEU D 149 -3.69 3.54 -22.47
C LEU D 149 -3.57 2.07 -22.81
N SER D 150 -2.39 1.69 -23.30
CA SER D 150 -2.11 0.32 -23.68
C SER D 150 -2.19 -0.60 -22.48
N VAL D 151 -1.68 -0.15 -21.34
CA VAL D 151 -1.77 -0.96 -20.12
C VAL D 151 -3.19 -0.99 -19.57
N ILE D 152 -3.83 0.18 -19.56
CA ILE D 152 -5.26 0.34 -19.31
C ILE D 152 -6.15 -0.58 -20.12
N ALA D 153 -5.94 -0.65 -21.42
CA ALA D 153 -6.74 -1.56 -22.23
C ALA D 153 -6.67 -3.04 -21.81
N LEU D 154 -5.45 -3.56 -21.68
CA LEU D 154 -5.20 -4.96 -21.31
C LEU D 154 -5.82 -5.32 -19.99
N MET D 155 -5.70 -4.41 -19.03
CA MET D 155 -6.26 -4.63 -17.70
C MET D 155 -7.76 -4.75 -17.76
N THR D 156 -8.41 -3.85 -18.48
CA THR D 156 -9.84 -3.89 -18.52
C THR D 156 -10.38 -5.16 -19.17
N LEU D 157 -9.70 -5.66 -20.17
CA LEU D 157 -10.08 -6.94 -20.74
C LEU D 157 -9.85 -8.07 -19.74
N PHE D 158 -8.79 -7.95 -18.95
CA PHE D 158 -8.48 -8.93 -17.90
C PHE D 158 -9.56 -8.96 -16.82
N PHE D 159 -9.92 -7.77 -16.39
CA PHE D 159 -10.93 -7.58 -15.39
C PHE D 159 -12.21 -8.15 -15.91
N TYR D 160 -12.46 -7.90 -17.19
CA TYR D 160 -13.73 -8.30 -17.76
C TYR D 160 -13.83 -9.82 -17.87
N ILE D 161 -12.74 -10.50 -18.20
CA ILE D 161 -12.84 -11.94 -18.27
C ILE D 161 -13.10 -12.51 -16.87
N PHE D 162 -12.36 -12.02 -15.87
CA PHE D 162 -12.46 -12.56 -14.50
C PHE D 162 -13.76 -12.17 -13.84
N ALA D 163 -14.30 -11.02 -14.26
CA ALA D 163 -15.58 -10.65 -13.72
C ALA D 163 -16.59 -11.69 -14.24
N ILE D 164 -16.41 -12.19 -15.45
CA ILE D 164 -17.29 -13.23 -16.00
C ILE D 164 -17.09 -14.56 -15.26
N MET D 165 -15.83 -14.95 -15.07
CA MET D 165 -15.53 -16.21 -14.39
C MET D 165 -16.08 -16.19 -13.00
N ALA D 166 -15.89 -15.08 -12.29
CA ALA D 166 -16.33 -15.04 -10.90
C ALA D 166 -17.86 -15.11 -10.75
N THR D 167 -18.58 -14.42 -11.61
CA THR D 167 -20.04 -14.43 -11.60
C THR D 167 -20.66 -15.77 -11.81
N GLN D 168 -20.06 -16.61 -12.61
CA GLN D 168 -20.66 -17.90 -12.82
C GLN D 168 -20.35 -18.78 -11.66
N LEU D 169 -19.25 -18.51 -10.99
CA LEU D 169 -18.81 -19.40 -9.92
C LEU D 169 -19.38 -19.14 -8.49
N PHE D 170 -19.57 -17.87 -8.14
CA PHE D 170 -19.80 -17.42 -6.77
C PHE D 170 -21.05 -16.58 -6.67
N GLY D 171 -21.63 -16.22 -7.80
CA GLY D 171 -22.77 -15.34 -7.80
C GLY D 171 -24.01 -16.04 -7.23
N GLU D 172 -23.99 -17.37 -7.22
CA GLU D 172 -25.14 -18.12 -6.75
C GLU D 172 -25.25 -18.11 -5.19
N ARG D 173 -24.13 -18.43 -4.54
CA ARG D 173 -24.09 -18.55 -3.08
C ARG D 173 -23.64 -17.21 -2.54
N PHE D 174 -23.03 -16.40 -3.40
CA PHE D 174 -22.60 -15.08 -2.98
C PHE D 174 -23.03 -13.91 -3.90
N PRO D 175 -24.34 -13.66 -4.03
CA PRO D 175 -24.87 -12.62 -4.91
C PRO D 175 -24.36 -11.20 -4.67
N GLU D 176 -24.21 -10.78 -3.43
CA GLU D 176 -23.81 -9.40 -3.13
C GLU D 176 -22.54 -9.11 -3.85
N TRP D 177 -21.67 -10.09 -3.83
CA TRP D 177 -20.34 -9.91 -4.32
C TRP D 177 -20.02 -10.19 -5.83
N PHE D 178 -20.78 -11.10 -6.39
CA PHE D 178 -20.55 -11.68 -7.68
C PHE D 178 -21.88 -11.97 -8.42
N GLY D 179 -22.99 -11.41 -7.93
CA GLY D 179 -24.31 -11.77 -8.47
C GLY D 179 -24.45 -11.46 -9.94
N THR D 180 -23.69 -10.45 -10.35
CA THR D 180 -23.83 -9.79 -11.63
C THR D 180 -22.45 -9.40 -12.07
N LEU D 181 -22.29 -9.34 -13.38
CA LEU D 181 -21.03 -8.94 -13.91
C LEU D 181 -20.66 -7.63 -13.22
N GLY D 182 -21.62 -6.71 -13.12
CA GLY D 182 -21.34 -5.45 -12.47
C GLY D 182 -20.91 -5.64 -11.04
N GLU D 183 -21.53 -6.60 -10.39
CA GLU D 183 -21.16 -6.89 -9.04
C GLU D 183 -19.76 -7.49 -8.98
N SER D 184 -19.46 -8.51 -9.76
CA SER D 184 -18.10 -9.07 -9.71
C SER D 184 -17.03 -8.05 -10.08
N PHE D 185 -17.43 -7.07 -10.90
CA PHE D 185 -16.52 -6.02 -11.29
C PHE D 185 -16.19 -5.24 -10.01
N TYR D 186 -17.22 -4.82 -9.26
CA TYR D 186 -16.97 -4.11 -7.98
C TYR D 186 -16.16 -4.87 -6.95
N THR D 187 -16.53 -6.11 -6.73
CA THR D 187 -15.79 -6.84 -5.72
C THR D 187 -14.34 -6.98 -6.17
N LEU D 188 -14.09 -7.28 -7.46
CA LEU D 188 -12.68 -7.46 -7.93
C LEU D 188 -11.81 -6.17 -7.80
N PHE D 189 -12.41 -5.00 -8.07
CA PHE D 189 -11.72 -3.78 -7.86
C PHE D 189 -11.34 -3.67 -6.42
N GLN D 190 -12.29 -4.04 -5.54
CA GLN D 190 -12.06 -4.03 -4.09
C GLN D 190 -10.85 -4.93 -3.70
N VAL D 191 -10.79 -6.12 -4.33
CA VAL D 191 -9.73 -7.07 -3.99
C VAL D 191 -8.45 -6.50 -4.50
N MET D 192 -8.54 -5.88 -5.67
CA MET D 192 -7.39 -5.15 -6.26
C MET D 192 -6.84 -4.09 -5.31
N THR D 193 -7.70 -3.27 -4.76
CA THR D 193 -7.20 -2.31 -3.81
C THR D 193 -6.73 -3.00 -2.57
N LEU D 194 -6.82 -4.33 -2.59
CA LEU D 194 -6.31 -5.20 -1.55
C LEU D 194 -7.04 -4.99 -0.18
N ASP D 195 -8.30 -4.49 -0.27
CA ASP D 195 -9.19 -4.03 0.88
C ASP D 195 -9.99 -5.11 1.57
N ASP D 196 -9.50 -5.51 2.74
CA ASP D 196 -10.20 -6.55 3.48
C ASP D 196 -10.46 -7.74 2.53
N TRP D 197 -9.46 -8.06 1.74
CA TRP D 197 -9.68 -9.07 0.75
C TRP D 197 -9.75 -10.46 1.43
N SER D 198 -8.91 -10.76 2.43
CA SER D 198 -8.98 -12.07 3.08
C SER D 198 -10.07 -12.44 4.14
N ASN D 199 -10.04 -11.79 5.30
CA ASN D 199 -11.06 -12.07 6.25
C ASN D 199 -12.35 -11.60 5.64
N GLY D 200 -12.33 -10.58 4.80
CA GLY D 200 -13.63 -10.08 4.43
C GLY D 200 -14.37 -10.73 3.27
N ILE D 201 -13.66 -11.31 2.32
CA ILE D 201 -14.22 -11.93 1.10
C ILE D 201 -13.84 -13.41 0.85
N VAL D 202 -12.57 -13.75 0.81
CA VAL D 202 -12.26 -15.05 0.27
C VAL D 202 -12.26 -16.19 1.29
N ARG D 203 -11.99 -15.90 2.58
CA ARG D 203 -12.18 -16.90 3.65
C ARG D 203 -13.66 -17.32 3.64
N PRO D 204 -14.61 -16.34 3.56
CA PRO D 204 -15.99 -16.81 3.40
C PRO D 204 -16.28 -17.62 2.17
N LEU D 205 -15.74 -17.24 1.01
CA LEU D 205 -15.94 -18.04 -0.19
C LEU D 205 -15.42 -19.45 0.00
N MET D 206 -14.27 -19.53 0.65
CA MET D 206 -13.57 -20.79 0.78
C MET D 206 -14.35 -21.77 1.65
N GLU D 207 -15.29 -21.26 2.45
CA GLU D 207 -16.11 -22.14 3.27
C GLU D 207 -17.06 -23.03 2.47
N VAL D 208 -17.57 -22.49 1.36
CA VAL D 208 -18.33 -23.27 0.37
C VAL D 208 -17.46 -23.81 -0.75
N TYR D 209 -16.53 -22.98 -1.19
CA TYR D 209 -15.72 -23.37 -2.30
C TYR D 209 -14.29 -23.31 -1.80
N PRO D 210 -13.83 -24.43 -1.23
CA PRO D 210 -12.52 -24.50 -0.58
C PRO D 210 -11.35 -24.19 -1.49
N TYR D 211 -11.55 -24.23 -2.81
CA TYR D 211 -10.47 -23.95 -3.75
C TYR D 211 -10.47 -22.52 -4.30
N ALA D 212 -11.33 -21.68 -3.74
CA ALA D 212 -11.44 -20.28 -4.15
C ALA D 212 -10.06 -19.61 -4.17
N TYR D 213 -9.11 -20.06 -3.33
CA TYR D 213 -7.76 -19.45 -3.35
C TYR D 213 -7.04 -19.56 -4.66
N VAL D 214 -7.38 -20.58 -5.44
CA VAL D 214 -6.81 -20.84 -6.77
C VAL D 214 -7.30 -19.80 -7.78
N PHE D 215 -8.41 -19.15 -7.46
CA PHE D 215 -8.90 -18.02 -8.25
C PHE D 215 -8.23 -16.67 -7.86
N PHE D 216 -8.35 -16.32 -6.60
CA PHE D 216 -7.97 -14.98 -6.15
C PHE D 216 -6.48 -14.73 -5.92
N ILE D 217 -5.73 -15.76 -5.57
CA ILE D 217 -4.33 -15.50 -5.32
C ILE D 217 -3.53 -15.34 -6.61
N PRO D 218 -3.75 -16.23 -7.61
CA PRO D 218 -3.14 -15.91 -8.90
C PRO D 218 -3.54 -14.55 -9.44
N PHE D 219 -4.84 -14.26 -9.37
CA PHE D 219 -5.40 -12.96 -9.76
C PHE D 219 -4.63 -11.81 -9.11
N ILE D 220 -4.30 -11.98 -7.83
CA ILE D 220 -3.67 -10.89 -7.10
C ILE D 220 -2.24 -10.77 -7.54
N PHE D 221 -1.62 -11.91 -7.88
CA PHE D 221 -0.24 -11.81 -8.32
C PHE D 221 -0.22 -10.96 -9.60
N VAL D 222 -1.11 -11.27 -10.54
CA VAL D 222 -1.14 -10.58 -11.81
C VAL D 222 -1.43 -9.13 -11.54
N VAL D 223 -2.54 -8.85 -10.90
CA VAL D 223 -2.98 -7.48 -10.69
C VAL D 223 -1.94 -6.64 -9.92
N THR D 224 -1.16 -7.27 -9.07
CA THR D 224 -0.20 -6.52 -8.27
C THR D 224 1.02 -6.32 -9.14
N PHE D 225 1.35 -7.37 -9.86
CA PHE D 225 2.46 -7.29 -10.82
C PHE D 225 2.38 -6.19 -11.87
N VAL D 226 1.25 -6.09 -12.56
CA VAL D 226 1.03 -5.13 -13.64
C VAL D 226 1.10 -3.71 -13.13
N MET D 227 0.54 -3.49 -11.98
CA MET D 227 0.56 -2.17 -11.38
C MET D 227 2.03 -1.69 -11.22
N ILE D 228 2.88 -2.44 -10.51
CA ILE D 228 4.30 -2.08 -10.28
C ILE D 228 4.97 -1.65 -11.57
N ASN D 229 4.91 -2.54 -12.54
CA ASN D 229 5.52 -2.33 -13.84
C ASN D 229 4.93 -1.11 -14.55
N LEU D 230 3.65 -0.88 -14.33
CA LEU D 230 2.96 0.32 -14.77
C LEU D 230 3.63 1.54 -14.18
N VAL D 231 3.84 1.50 -12.86
CA VAL D 231 4.59 2.52 -12.09
C VAL D 231 6.02 2.68 -12.71
N VAL D 232 6.70 1.56 -12.97
CA VAL D 232 8.05 1.54 -13.60
C VAL D 232 8.03 2.23 -14.98
N ALA D 233 6.99 1.90 -15.74
CA ALA D 233 6.76 2.40 -17.08
C ALA D 233 6.57 3.91 -17.02
N ILE D 234 5.89 4.38 -15.99
CA ILE D 234 5.62 5.82 -15.82
C ILE D 234 6.94 6.56 -15.70
N ILE D 235 7.76 6.14 -14.73
CA ILE D 235 9.08 6.70 -14.47
C ILE D 235 9.88 6.84 -15.78
N VAL D 236 9.97 5.74 -16.54
CA VAL D 236 10.83 5.67 -17.74
C VAL D 236 10.22 6.60 -18.79
N ASP D 237 8.90 6.54 -18.93
CA ASP D 237 8.15 7.37 -19.90
C ASP D 237 8.11 8.86 -19.53
#